data_6M47
#
_entry.id   6M47
#
_cell.length_a   97.004
_cell.length_b   140.956
_cell.length_c   167.795
_cell.angle_alpha   90.000
_cell.angle_beta   90.000
_cell.angle_gamma   90.000
#
_symmetry.space_group_name_H-M   'P 21 21 21'
#
loop_
_entity.id
_entity.type
_entity.pdbx_description
1 polymer 'Sodium-dependent dopamine transporter'
2 polymer 'Antibody fragment 9D5 light chain'
3 polymer 'Antibody fragment Heavy chain'
4 branched alpha-D-glucopyranose-(1-4)-alpha-D-glucopyranose
5 non-polymer CHOLESTEROL
6 non-polymer 'CHOLESTEROL HEMISUCCINATE'
7 non-polymer 'SODIUM ION'
8 non-polymer 'CHLORIDE ION'
9 non-polymer (1S,2S)-2-[(dimethylamino)methyl]-1-(3-methoxyphenyl)cyclohexan-1-ol
10 non-polymer DECANE
11 water water
#
loop_
_entity_poly.entity_id
_entity_poly.type
_entity_poly.pdbx_seq_one_letter_code
_entity_poly.pdbx_strand_id
1 'polypeptide(L)'
;DERETWSGKVDFLLSVIGFAVDLANVWRFPYLCYKNGGGAFLVPYGIMLAVGGIPLFYMELALGQHNRKGAITCWGRLVP
LFKGIGYAVVLIAFYVGFYYNVIIAWSLRFFFASFTNSLPWTSCNNIWNTPNCRPFEGHVEGFQSAASEYFNRYILELNR
SEGIHDLGAIKWDMALCLLIVYLICYFSLWKGISTSGKVVWFTALFPYAVLLILLIRGLTLPGSFLGIQYYLTPNFSAIY
KAEVWVDAATQVFFSLGPGFGVLLAYASYNKYHNNVYKDALLTSFINSATSFIAGFVIFSVLGYMAHTLGVRIEDVATEG
PGLVFVVYPAAIATMPASTFWALIFFMMLATLGLDSSFGGMEAIITALSDEFPKIKRNRELFVAGLFSLYFVVGLASCTQ
GGFYFLHLLDRYAAGYSILVAVFFEAIAVSWIYGTNRFSEDIRDMIGFPPGRYWQVCWRFVAPIFLLFITVYGLIGYEPL
TYADYVYPSWANALGWCIAGSSVVMIPAVAIFKLLSTPGSLRQRFTILTTPWRD
;
A
2 'polypeptide(L)'
;ENVLTQSPAIMSTSPGEKVTMTCRASSSVGSSYLHWYQQKSGASPKLWIYSTSNLASGVPARFSGSGSGTSYSLTISSVE
AEDAATYYCQQFSGYPLTFGSGTKLEMKRADAAPTVSIFPPSSEQLTSGGASVVCFLNNFYPKDINVKWKIDGSERQNGV
LNSWTDQDSKDSTYSMSSTLTLTKDEYERHNSYTCEATHKTSTSPIVKSFNRNE
;
L
3 'polypeptide(L)'
;EVQLVESGGGLVKPGGSLKLSCAASGFTFSSYAMSWVRQSPEKRLEWVAEISSGGRYIYYSDTVTGRFTISRDNARNILH
LEMSSLRSEDTAMYYCARGEVRQRGFDYWGQGTTLTVSSAKTTAPSVYPLAPVCGDTTGSSVTLGCLVKGYFPEPVTLTW
NSGSLSSGVHTFPAVLQSDLYTLSSSVTVTSSTWPSQSITCNVAHPASSTKVDKKIEPR
;
H
#
loop_
_chem_comp.id
_chem_comp.type
_chem_comp.name
_chem_comp.formula
CL non-polymer 'CHLORIDE ION' 'Cl -1'
CLR non-polymer CHOLESTEROL 'C27 H46 O'
D10 non-polymer DECANE 'C10 H22'
F1U non-polymer (1S,2S)-2-[(dimethylamino)methyl]-1-(3-methoxyphenyl)cyclohexan-1-ol 'C16 H25 N O2'
GLC D-saccharide, alpha linking alpha-D-glucopyranose 'C6 H12 O6'
NA non-polymer 'SODIUM ION' 'Na 1'
Y01 non-polymer 'CHOLESTEROL HEMISUCCINATE' 'C31 H50 O4'
#
# COMPACT_ATOMS: atom_id res chain seq x y z
N ASP A 1 9.53 0.77 17.95
CA ASP A 1 8.76 0.02 18.98
C ASP A 1 9.31 -1.40 19.10
N GLU A 2 9.51 -1.89 20.32
CA GLU A 2 10.12 -3.23 20.49
C GLU A 2 9.03 -4.31 20.55
N ARG A 3 7.84 -4.01 20.04
CA ARG A 3 6.80 -5.03 20.02
C ARG A 3 7.25 -6.29 19.30
N GLU A 4 6.57 -7.39 19.62
CA GLU A 4 6.84 -8.68 19.00
C GLU A 4 6.29 -8.70 17.57
N THR A 5 6.66 -9.75 16.84
CA THR A 5 6.26 -9.90 15.45
C THR A 5 6.33 -11.37 15.06
N TRP A 6 5.45 -11.76 14.13
CA TRP A 6 5.33 -13.16 13.74
C TRP A 6 6.68 -13.75 13.36
N SER A 7 7.00 -14.89 13.99
CA SER A 7 8.23 -15.61 13.67
C SER A 7 8.34 -15.88 12.17
N GLY A 8 7.20 -16.10 11.52
CA GLY A 8 7.15 -16.22 10.08
C GLY A 8 5.85 -15.66 9.56
N LYS A 9 5.81 -15.44 8.25
CA LYS A 9 4.61 -14.87 7.63
C LYS A 9 3.48 -15.87 7.57
N VAL A 10 3.78 -17.16 7.36
CA VAL A 10 2.73 -18.17 7.35
C VAL A 10 2.09 -18.32 8.72
N ASP A 11 2.85 -18.04 9.78
CA ASP A 11 2.28 -18.09 11.13
C ASP A 11 1.14 -17.10 11.31
N PHE A 12 1.22 -15.93 10.66
CA PHE A 12 0.08 -15.02 10.68
C PHE A 12 -1.03 -15.51 9.76
N LEU A 13 -0.67 -15.96 8.56
CA LEU A 13 -1.65 -16.51 7.63
C LEU A 13 -2.43 -17.66 8.24
N LEU A 14 -1.72 -18.73 8.65
CA LEU A 14 -2.43 -19.88 9.20
C LEU A 14 -3.09 -19.59 10.55
N SER A 15 -2.63 -18.55 11.28
CA SER A 15 -3.36 -18.17 12.48
C SER A 15 -4.67 -17.50 12.13
N VAL A 16 -4.75 -16.84 10.98
CA VAL A 16 -6.01 -16.24 10.57
C VAL A 16 -6.88 -17.25 9.84
N ILE A 17 -6.30 -17.97 8.87
CA ILE A 17 -7.05 -19.01 8.16
C ILE A 17 -7.70 -19.99 9.13
N GLY A 18 -7.03 -20.27 10.25
CA GLY A 18 -7.57 -21.19 11.23
C GLY A 18 -8.64 -20.60 12.12
N PHE A 19 -8.53 -19.32 12.46
CA PHE A 19 -9.60 -18.70 13.24
C PHE A 19 -10.89 -18.62 12.43
N ALA A 20 -10.77 -18.50 11.11
CA ALA A 20 -11.94 -18.29 10.25
C ALA A 20 -12.61 -19.58 9.84
N VAL A 21 -11.85 -20.65 9.62
CA VAL A 21 -12.41 -21.91 9.15
C VAL A 21 -12.69 -22.78 10.36
N ASP A 22 -13.97 -23.01 10.64
CA ASP A 22 -14.38 -23.84 11.77
C ASP A 22 -15.58 -24.67 11.30
N LEU A 23 -16.32 -25.22 12.28
CA LEU A 23 -17.43 -26.12 11.98
C LEU A 23 -18.56 -25.45 11.22
N ALA A 24 -18.71 -24.13 11.33
CA ALA A 24 -19.74 -23.45 10.55
C ALA A 24 -19.47 -23.52 9.06
N ASN A 25 -18.20 -23.68 8.66
CA ASN A 25 -17.90 -23.96 7.26
C ASN A 25 -18.45 -25.32 6.84
N VAL A 26 -18.34 -26.32 7.71
CA VAL A 26 -18.77 -27.69 7.39
C VAL A 26 -20.27 -27.89 7.56
N TRP A 27 -20.94 -27.13 8.43
CA TRP A 27 -22.33 -27.47 8.79
C TRP A 27 -23.36 -26.38 8.49
N ARG A 28 -23.03 -25.10 8.43
CA ARG A 28 -24.13 -24.19 8.09
C ARG A 28 -24.10 -23.68 6.65
N PHE A 29 -22.93 -23.62 5.99
CA PHE A 29 -22.93 -23.16 4.59
C PHE A 29 -23.54 -24.18 3.64
N PRO A 30 -23.21 -25.48 3.72
CA PRO A 30 -23.90 -26.45 2.83
C PRO A 30 -25.41 -26.47 3.03
N TYR A 31 -25.89 -26.35 4.26
CA TYR A 31 -27.33 -26.29 4.47
C TYR A 31 -27.96 -25.10 3.78
N LEU A 32 -27.33 -23.92 3.88
CA LEU A 32 -27.90 -22.72 3.27
C LEU A 32 -27.97 -22.86 1.76
N CYS A 33 -26.93 -23.40 1.13
CA CYS A 33 -27.01 -23.68 -0.30
C CYS A 33 -28.14 -24.65 -0.59
N TYR A 34 -28.23 -25.74 0.17
CA TYR A 34 -29.24 -26.77 -0.08
C TYR A 34 -30.64 -26.19 0.05
N LYS A 35 -30.88 -25.40 1.11
CA LYS A 35 -32.22 -24.88 1.37
C LYS A 35 -32.59 -23.73 0.44
N ASN A 36 -31.64 -22.89 0.04
CA ASN A 36 -31.93 -21.65 -0.67
C ASN A 36 -31.43 -21.72 -2.10
N GLY A 37 -32.08 -22.55 -2.91
CA GLY A 37 -31.87 -22.52 -4.34
C GLY A 37 -30.53 -22.99 -4.84
N GLY A 38 -29.81 -23.82 -4.07
CA GLY A 38 -28.62 -24.46 -4.60
C GLY A 38 -27.51 -23.47 -4.94
N GLY A 39 -26.87 -23.70 -6.09
CA GLY A 39 -25.81 -22.82 -6.54
C GLY A 39 -26.26 -21.37 -6.63
N ALA A 40 -27.54 -21.14 -6.93
CA ALA A 40 -28.05 -19.78 -7.01
C ALA A 40 -27.82 -19.02 -5.71
N PHE A 41 -27.79 -19.72 -4.57
CA PHE A 41 -27.48 -19.07 -3.30
C PHE A 41 -26.10 -18.42 -3.31
N LEU A 42 -25.21 -18.87 -4.19
CA LEU A 42 -23.90 -18.25 -4.27
C LEU A 42 -23.98 -16.80 -4.70
N VAL A 43 -25.03 -16.41 -5.41
CA VAL A 43 -25.21 -15.02 -5.83
C VAL A 43 -25.33 -14.14 -4.58
N PRO A 44 -26.41 -14.22 -3.80
CA PRO A 44 -26.53 -13.30 -2.65
C PRO A 44 -25.43 -13.52 -1.63
N TYR A 45 -24.95 -14.75 -1.51
CA TYR A 45 -23.79 -15.04 -0.67
C TYR A 45 -22.58 -14.24 -1.13
N GLY A 46 -22.26 -14.31 -2.42
CA GLY A 46 -21.12 -13.57 -2.93
C GLY A 46 -21.32 -12.08 -2.88
N ILE A 47 -22.55 -11.61 -3.15
CA ILE A 47 -22.82 -10.18 -3.09
C ILE A 47 -22.68 -9.67 -1.66
N MET A 48 -23.30 -10.36 -0.70
CA MET A 48 -23.16 -9.97 0.69
C MET A 48 -21.73 -10.14 1.20
N LEU A 49 -20.94 -10.96 0.52
CA LEU A 49 -19.54 -11.14 0.88
C LEU A 49 -18.68 -10.05 0.25
N ALA A 50 -19.03 -9.62 -0.97
CA ALA A 50 -18.20 -8.66 -1.69
C ALA A 50 -18.39 -7.25 -1.17
N VAL A 51 -19.59 -6.88 -0.74
CA VAL A 51 -19.90 -5.51 -0.32
C VAL A 51 -19.98 -5.31 1.20
N GLY A 52 -20.08 -6.38 1.97
CA GLY A 52 -20.36 -6.26 3.39
C GLY A 52 -19.31 -6.91 4.28
N GLY A 53 -18.90 -8.14 3.97
CA GLY A 53 -17.96 -8.87 4.81
C GLY A 53 -16.48 -8.55 4.62
N ILE A 54 -15.99 -8.83 3.41
CA ILE A 54 -14.57 -8.55 3.08
C ILE A 54 -14.24 -7.09 3.27
N PRO A 55 -15.12 -6.10 2.93
CA PRO A 55 -14.94 -4.73 3.41
C PRO A 55 -14.63 -4.69 4.90
N LEU A 56 -15.48 -5.31 5.71
CA LEU A 56 -15.26 -5.31 7.16
C LEU A 56 -14.03 -6.14 7.54
N PHE A 57 -13.87 -7.32 6.92
CA PHE A 57 -12.71 -8.16 7.18
C PHE A 57 -11.41 -7.39 6.91
N TYR A 58 -11.35 -6.70 5.77
CA TYR A 58 -10.20 -5.87 5.44
C TYR A 58 -9.98 -4.78 6.49
N MET A 59 -11.06 -4.08 6.87
CA MET A 59 -10.92 -2.91 7.73
C MET A 59 -10.24 -3.26 9.05
N GLU A 60 -10.58 -4.40 9.63
CA GLU A 60 -10.02 -4.76 10.94
C GLU A 60 -8.57 -5.20 10.82
N LEU A 61 -8.27 -6.03 9.83
CA LEU A 61 -6.90 -6.51 9.65
C LEU A 61 -5.94 -5.35 9.41
N ALA A 62 -6.42 -4.30 8.74
CA ALA A 62 -5.56 -3.15 8.48
C ALA A 62 -5.35 -2.33 9.75
N LEU A 63 -6.42 -2.04 10.47
CA LEU A 63 -6.33 -1.36 11.76
C LEU A 63 -5.35 -2.06 12.70
N GLY A 64 -5.55 -3.36 12.92
CA GLY A 64 -4.71 -4.09 13.85
C GLY A 64 -3.23 -3.98 13.53
N GLN A 65 -2.88 -4.13 12.25
CA GLN A 65 -1.48 -4.00 11.85
C GLN A 65 -0.97 -2.58 12.04
N HIS A 66 -1.81 -1.58 11.77
CA HIS A 66 -1.38 -0.19 11.73
C HIS A 66 -1.24 0.41 13.12
N ASN A 67 -2.29 0.29 13.93
CA ASN A 67 -2.27 0.85 15.28
C ASN A 67 -1.56 -0.06 16.28
N ARG A 68 -1.15 -1.24 15.87
CA ARG A 68 -0.09 -2.01 16.53
C ARG A 68 -0.41 -2.40 17.96
N LYS A 69 -1.65 -2.26 18.41
CA LYS A 69 -1.99 -2.58 19.78
C LYS A 69 -3.24 -3.44 19.82
N GLY A 70 -3.44 -4.10 20.97
CA GLY A 70 -4.61 -4.95 21.16
C GLY A 70 -5.92 -4.20 21.26
N ALA A 71 -6.99 -4.98 21.33
CA ALA A 71 -8.35 -4.53 21.06
C ALA A 71 -8.86 -3.40 21.96
N ILE A 72 -8.40 -3.34 23.21
CA ILE A 72 -8.82 -2.25 24.08
C ILE A 72 -8.08 -0.98 23.72
N THR A 73 -6.75 -1.05 23.67
CA THR A 73 -5.92 0.12 23.45
C THR A 73 -6.15 0.70 22.06
N CYS A 74 -6.41 -0.16 21.08
CA CYS A 74 -6.48 0.26 19.68
C CYS A 74 -7.74 1.08 19.40
N TRP A 75 -8.74 1.03 20.27
CA TRP A 75 -9.88 1.92 20.17
C TRP A 75 -9.77 3.12 21.10
N GLY A 76 -8.87 3.09 22.07
CA GLY A 76 -8.56 4.30 22.82
C GLY A 76 -7.65 5.25 22.05
N ARG A 77 -6.73 4.71 21.26
CA ARG A 77 -5.81 5.50 20.45
C ARG A 77 -6.41 5.89 19.11
N LEU A 78 -7.71 5.66 18.90
CA LEU A 78 -8.33 5.90 17.61
C LEU A 78 -9.53 6.84 17.76
N VAL A 79 -10.41 6.51 18.71
CA VAL A 79 -11.51 7.39 19.13
C VAL A 79 -11.69 7.18 20.63
N PRO A 80 -11.18 8.08 21.47
CA PRO A 80 -11.24 7.83 22.93
C PRO A 80 -12.66 7.80 23.47
N LEU A 81 -13.59 8.58 22.90
CA LEU A 81 -14.97 8.53 23.36
C LEU A 81 -15.56 7.12 23.21
N PHE A 82 -15.02 6.32 22.31
CA PHE A 82 -15.54 4.99 22.02
C PHE A 82 -14.60 3.88 22.46
N LYS A 83 -13.71 4.16 23.42
CA LYS A 83 -12.84 3.11 23.96
C LYS A 83 -13.65 1.97 24.57
N GLY A 84 -14.91 2.20 24.90
CA GLY A 84 -15.74 1.12 25.43
C GLY A 84 -15.93 -0.03 24.45
N ILE A 85 -15.80 0.24 23.14
CA ILE A 85 -15.93 -0.80 22.14
C ILE A 85 -14.95 -1.94 22.42
N GLY A 86 -13.67 -1.58 22.59
CA GLY A 86 -12.67 -2.58 22.89
C GLY A 86 -13.00 -3.41 24.12
N TYR A 87 -13.63 -2.79 25.12
CA TYR A 87 -14.00 -3.52 26.32
C TYR A 87 -15.14 -4.49 26.05
N ALA A 88 -16.16 -4.02 25.31
CA ALA A 88 -17.27 -4.90 24.93
C ALA A 88 -16.76 -6.10 24.14
N VAL A 89 -15.94 -5.84 23.12
CA VAL A 89 -15.46 -6.88 22.22
C VAL A 89 -14.69 -7.96 22.96
N VAL A 90 -14.09 -7.64 24.10
CA VAL A 90 -13.19 -8.58 24.75
C VAL A 90 -13.97 -9.56 25.63
N LEU A 91 -14.93 -9.07 26.43
CA LEU A 91 -15.68 -9.99 27.29
C LEU A 91 -16.66 -10.83 26.50
N ILE A 92 -17.14 -10.31 25.37
CA ILE A 92 -17.84 -11.15 24.40
C ILE A 92 -16.96 -12.35 24.03
N ALA A 93 -15.71 -12.09 23.70
CA ALA A 93 -14.75 -13.16 23.50
C ALA A 93 -14.57 -13.99 24.77
N PHE A 94 -14.73 -13.37 25.94
CA PHE A 94 -14.68 -14.11 27.20
C PHE A 94 -15.91 -14.98 27.37
N TYR A 95 -17.09 -14.45 27.01
CA TYR A 95 -18.33 -15.18 27.20
C TYR A 95 -18.39 -16.41 26.31
N VAL A 96 -17.98 -16.25 25.03
CA VAL A 96 -18.10 -17.34 24.06
C VAL A 96 -17.30 -18.55 24.50
N GLY A 97 -16.08 -18.34 24.98
CA GLY A 97 -15.24 -19.43 25.47
C GLY A 97 -15.89 -20.28 26.54
N PHE A 98 -16.98 -19.80 27.14
CA PHE A 98 -17.71 -20.59 28.14
C PHE A 98 -18.52 -21.72 27.51
N TYR A 99 -18.66 -21.75 26.18
CA TYR A 99 -19.36 -22.84 25.51
C TYR A 99 -18.64 -23.33 24.27
N TYR A 100 -17.92 -22.45 23.56
CA TYR A 100 -17.33 -22.83 22.28
C TYR A 100 -16.38 -24.01 22.42
N ASN A 101 -15.64 -24.07 23.53
CA ASN A 101 -14.67 -25.15 23.70
C ASN A 101 -15.36 -26.48 23.99
N VAL A 102 -16.60 -26.44 24.49
CA VAL A 102 -17.33 -27.68 24.75
C VAL A 102 -17.52 -28.47 23.45
N ILE A 103 -17.87 -27.77 22.36
CA ILE A 103 -18.10 -28.45 21.10
C ILE A 103 -16.85 -29.20 20.64
N ILE A 104 -15.67 -28.71 21.03
CA ILE A 104 -14.44 -29.44 20.77
C ILE A 104 -14.36 -30.68 21.66
N ALA A 105 -14.76 -30.56 22.92
CA ALA A 105 -14.75 -31.71 23.83
C ALA A 105 -15.66 -32.83 23.33
N TRP A 106 -16.85 -32.46 22.82
CA TRP A 106 -17.73 -33.43 22.18
C TRP A 106 -16.98 -34.19 21.08
N SER A 107 -16.30 -33.45 20.20
CA SER A 107 -15.48 -34.08 19.17
C SER A 107 -14.45 -35.01 19.79
N LEU A 108 -13.77 -34.55 20.84
CA LEU A 108 -12.73 -35.37 21.47
C LEU A 108 -13.32 -36.60 22.13
N ARG A 109 -14.50 -36.46 22.75
CA ARG A 109 -15.13 -37.63 23.37
C ARG A 109 -15.60 -38.62 22.30
N PHE A 110 -16.05 -38.11 21.15
CA PHE A 110 -16.34 -39.00 20.02
C PHE A 110 -15.06 -39.59 19.43
N PHE A 111 -13.99 -38.78 19.33
CA PHE A 111 -12.71 -39.31 18.87
C PHE A 111 -12.23 -40.45 19.76
N PHE A 112 -12.24 -40.22 21.07
CA PHE A 112 -11.89 -41.28 22.00
C PHE A 112 -12.88 -42.44 21.93
N ALA A 113 -14.15 -42.14 21.65
CA ALA A 113 -15.17 -43.18 21.52
C ALA A 113 -15.06 -43.97 20.23
N SER A 114 -14.37 -43.45 19.21
CA SER A 114 -14.21 -44.14 17.93
C SER A 114 -13.03 -45.10 17.93
N PHE A 115 -12.49 -45.45 19.10
CA PHE A 115 -11.40 -46.42 19.19
C PHE A 115 -12.01 -47.80 19.42
N THR A 116 -12.56 -48.37 18.35
CA THR A 116 -13.21 -49.68 18.38
C THR A 116 -13.46 -50.13 16.94
N ASN A 117 -13.94 -51.36 16.81
CA ASN A 117 -14.28 -51.95 15.52
C ASN A 117 -15.78 -51.93 15.22
N SER A 118 -16.61 -51.93 16.25
CA SER A 118 -18.05 -51.71 16.14
C SER A 118 -18.33 -50.38 16.83
N LEU A 119 -18.36 -49.32 16.04
CA LEU A 119 -18.68 -47.99 16.55
C LEU A 119 -19.99 -48.05 17.32
N PRO A 120 -20.07 -47.47 18.52
CA PRO A 120 -21.23 -47.73 19.39
C PRO A 120 -22.54 -47.16 18.88
N TRP A 121 -22.51 -46.11 18.05
CA TRP A 121 -23.70 -45.38 17.65
C TRP A 121 -24.44 -45.98 16.45
N THR A 122 -24.09 -47.18 16.01
CA THR A 122 -24.70 -47.72 14.80
C THR A 122 -25.91 -48.60 15.06
N SER A 123 -25.90 -49.38 16.14
CA SER A 123 -26.94 -50.35 16.44
C SER A 123 -27.88 -49.78 17.50
N CYS A 124 -29.12 -50.24 17.50
CA CYS A 124 -30.11 -49.72 18.44
C CYS A 124 -30.62 -50.77 19.42
N ASN A 125 -29.77 -51.71 19.78
CA ASN A 125 -30.07 -52.69 20.80
C ASN A 125 -29.15 -52.54 22.00
N ASN A 126 -28.86 -51.30 22.39
CA ASN A 126 -27.95 -51.03 23.49
C ASN A 126 -28.71 -50.62 24.74
N ILE A 127 -27.94 -50.35 25.80
CA ILE A 127 -28.49 -50.08 27.12
C ILE A 127 -29.16 -48.71 27.20
N TRP A 128 -28.88 -47.82 26.24
CA TRP A 128 -29.38 -46.45 26.29
C TRP A 128 -30.48 -46.17 25.29
N ASN A 129 -30.67 -47.02 24.28
CA ASN A 129 -31.71 -46.77 23.29
C ASN A 129 -33.10 -46.95 23.89
N THR A 130 -34.09 -46.47 23.17
CA THR A 130 -35.49 -46.55 23.53
C THR A 130 -36.23 -47.47 22.57
N PRO A 131 -37.41 -47.97 22.95
CA PRO A 131 -38.22 -48.74 21.98
C PRO A 131 -38.63 -47.90 20.80
N ASN A 132 -38.68 -46.58 20.96
CA ASN A 132 -39.02 -45.65 19.90
C ASN A 132 -37.79 -45.27 19.10
N CYS A 133 -37.04 -46.26 18.62
CA CYS A 133 -35.81 -46.00 17.88
C CYS A 133 -35.92 -46.47 16.44
N ARG A 134 -35.15 -45.80 15.60
CA ARG A 134 -34.91 -46.09 14.19
C ARG A 134 -33.43 -46.23 13.96
N PRO A 135 -33.02 -47.10 13.02
CA PRO A 135 -31.59 -47.20 12.69
C PRO A 135 -31.05 -45.99 11.92
N PHE A 136 -31.90 -45.20 11.28
CA PHE A 136 -31.44 -43.99 10.61
C PHE A 136 -32.50 -42.90 10.75
N GLU A 137 -32.08 -41.66 10.46
CA GLU A 137 -32.90 -40.48 10.71
C GLU A 137 -34.25 -40.54 10.00
N GLY A 138 -35.27 -40.01 10.67
CA GLY A 138 -36.61 -39.93 10.13
C GLY A 138 -37.19 -38.54 10.29
N HIS A 139 -38.52 -38.40 10.13
CA HIS A 139 -39.16 -37.10 10.28
C HIS A 139 -40.24 -37.08 11.36
N VAL A 140 -40.28 -38.09 12.23
CA VAL A 140 -41.11 -38.09 13.43
C VAL A 140 -40.17 -37.89 14.62
N GLU A 141 -40.62 -37.11 15.61
CA GLU A 141 -39.74 -36.77 16.71
CA GLU A 141 -39.79 -36.73 16.75
C GLU A 141 -39.74 -37.81 17.83
N GLY A 142 -40.84 -38.54 18.02
CA GLY A 142 -40.84 -39.59 19.03
C GLY A 142 -39.89 -40.73 18.72
N PHE A 143 -39.32 -40.77 17.52
CA PHE A 143 -38.56 -41.90 17.02
C PHE A 143 -37.26 -41.38 16.41
N GLN A 144 -36.18 -41.44 17.18
CA GLN A 144 -34.92 -40.84 16.79
C GLN A 144 -33.95 -41.91 16.32
N SER A 145 -32.90 -41.47 15.62
CA SER A 145 -31.95 -42.41 15.04
C SER A 145 -31.07 -43.02 16.12
N ALA A 146 -30.59 -44.23 15.84
CA ALA A 146 -29.69 -44.90 16.77
C ALA A 146 -28.43 -44.07 17.02
N ALA A 147 -28.03 -43.26 16.04
CA ALA A 147 -26.91 -42.35 16.21
C ALA A 147 -27.32 -41.04 16.86
N SER A 148 -28.61 -40.83 17.10
CA SER A 148 -29.06 -39.66 17.85
C SER A 148 -29.42 -39.99 19.30
N GLU A 149 -29.81 -41.23 19.57
CA GLU A 149 -29.99 -41.64 20.96
C GLU A 149 -28.66 -41.88 21.65
N TYR A 150 -27.66 -42.35 20.91
CA TYR A 150 -26.31 -42.41 21.45
C TYR A 150 -25.80 -41.02 21.84
N PHE A 151 -26.27 -39.98 21.16
CA PHE A 151 -25.77 -38.64 21.44
C PHE A 151 -26.55 -38.01 22.61
N ASN A 152 -27.88 -38.10 22.58
CA ASN A 152 -28.68 -37.49 23.66
C ASN A 152 -28.75 -38.33 24.93
N ARG A 153 -28.56 -39.65 24.86
CA ARG A 153 -28.80 -40.47 26.04
C ARG A 153 -27.55 -41.10 26.66
N TYR A 154 -26.45 -41.19 25.91
CA TYR A 154 -25.21 -41.74 26.43
C TYR A 154 -24.10 -40.71 26.51
N ILE A 155 -23.81 -40.01 25.42
CA ILE A 155 -22.75 -39.01 25.43
C ILE A 155 -23.16 -37.81 26.29
N LEU A 156 -24.36 -37.27 26.05
CA LEU A 156 -24.83 -36.09 26.79
C LEU A 156 -25.71 -36.42 27.97
N GLU A 157 -26.44 -37.54 27.94
CA GLU A 157 -27.39 -37.88 29.00
C GLU A 157 -28.38 -36.75 29.25
N LEU A 158 -28.73 -36.03 28.17
CA LEU A 158 -29.70 -34.95 28.26
C LEU A 158 -31.08 -35.41 28.67
N ASN A 159 -31.40 -36.70 28.48
CA ASN A 159 -32.69 -37.25 28.89
C ASN A 159 -32.89 -37.22 30.40
N ARG A 160 -31.88 -36.87 31.18
CA ARG A 160 -31.95 -36.83 32.63
C ARG A 160 -31.97 -35.41 33.16
N SER A 161 -32.30 -34.44 32.32
CA SER A 161 -32.44 -33.04 32.71
C SER A 161 -33.85 -32.58 32.39
N GLU A 162 -34.58 -32.17 33.41
CA GLU A 162 -35.91 -31.61 33.19
C GLU A 162 -35.87 -30.16 32.76
N GLY A 163 -34.68 -29.59 32.54
CA GLY A 163 -34.60 -28.21 32.09
C GLY A 163 -33.23 -27.62 32.43
N ILE A 164 -33.21 -26.28 32.47
CA ILE A 164 -31.96 -25.57 32.74
C ILE A 164 -31.55 -25.75 34.20
N HIS A 165 -32.53 -25.77 35.10
CA HIS A 165 -32.28 -25.80 36.53
C HIS A 165 -31.73 -27.14 36.98
N ASP A 166 -32.21 -28.22 36.34
CA ASP A 166 -31.73 -29.58 36.61
C ASP A 166 -30.50 -29.81 35.75
N LEU A 167 -29.35 -29.38 36.27
CA LEU A 167 -28.09 -29.76 35.64
C LEU A 167 -27.74 -31.21 35.93
N GLY A 168 -28.09 -31.70 37.12
CA GLY A 168 -27.81 -33.09 37.38
C GLY A 168 -26.32 -33.36 37.51
N ALA A 169 -25.99 -34.64 37.36
CA ALA A 169 -24.65 -35.12 37.66
C ALA A 169 -23.61 -34.53 36.72
N ILE A 170 -22.44 -34.21 37.28
CA ILE A 170 -21.28 -33.86 36.47
C ILE A 170 -20.75 -35.14 35.85
N LYS A 171 -20.62 -35.15 34.53
CA LYS A 171 -20.09 -36.31 33.82
C LYS A 171 -18.62 -36.08 33.53
N TRP A 172 -17.75 -36.79 34.25
CA TRP A 172 -16.33 -36.50 34.24
C TRP A 172 -15.63 -36.96 32.96
N ASP A 173 -16.18 -37.97 32.28
CA ASP A 173 -15.56 -38.37 31.01
C ASP A 173 -15.62 -37.22 30.01
N MET A 174 -16.66 -36.38 30.09
CA MET A 174 -16.71 -35.17 29.30
C MET A 174 -15.85 -34.08 29.92
N ALA A 175 -15.85 -33.99 31.25
CA ALA A 175 -14.99 -33.02 31.92
C ALA A 175 -13.52 -33.26 31.58
N LEU A 176 -13.12 -34.53 31.50
CA LEU A 176 -11.73 -34.83 31.15
C LEU A 176 -11.43 -34.42 29.72
N CYS A 177 -12.42 -34.46 28.83
CA CYS A 177 -12.20 -33.93 27.48
C CYS A 177 -12.10 -32.42 27.49
N LEU A 178 -12.93 -31.74 28.29
CA LEU A 178 -12.88 -30.29 28.34
C LEU A 178 -11.54 -29.79 28.88
N LEU A 179 -10.91 -30.58 29.75
CA LEU A 179 -9.58 -30.24 30.25
C LEU A 179 -8.53 -30.45 29.18
N ILE A 180 -8.54 -31.61 28.53
CA ILE A 180 -7.67 -31.91 27.39
C ILE A 180 -7.75 -30.80 26.35
N VAL A 181 -8.89 -30.11 26.26
CA VAL A 181 -9.00 -28.98 25.34
C VAL A 181 -8.25 -27.77 25.88
N TYR A 182 -8.53 -27.38 27.14
CA TYR A 182 -7.89 -26.20 27.70
C TYR A 182 -6.40 -26.40 27.93
N LEU A 183 -5.96 -27.65 28.11
CA LEU A 183 -4.52 -27.93 28.15
C LEU A 183 -3.92 -27.80 26.75
N ILE A 184 -4.57 -28.40 25.75
CA ILE A 184 -4.16 -28.23 24.35
C ILE A 184 -4.08 -26.76 23.98
N CYS A 185 -4.91 -25.93 24.58
CA CYS A 185 -4.75 -24.49 24.39
C CYS A 185 -3.50 -23.98 25.10
N TYR A 186 -3.45 -24.14 26.43
CA TYR A 186 -2.40 -23.48 27.23
C TYR A 186 -1.00 -23.69 26.66
N PHE A 187 -0.58 -24.96 26.57
CA PHE A 187 0.76 -25.26 26.08
C PHE A 187 0.94 -24.98 24.60
N SER A 188 -0.07 -24.46 23.92
CA SER A 188 0.09 -24.02 22.55
C SER A 188 0.13 -22.51 22.41
N LEU A 189 -0.15 -21.75 23.47
CA LEU A 189 -0.06 -20.29 23.33
C LEU A 189 0.27 -19.58 24.65
N TRP A 190 0.88 -20.24 25.63
CA TRP A 190 1.27 -19.56 26.85
C TRP A 190 2.51 -18.69 26.61
N LYS A 191 3.53 -19.24 25.96
CA LYS A 191 4.78 -18.53 25.75
C LYS A 191 4.68 -17.47 24.64
N GLY A 192 3.54 -17.34 23.99
CA GLY A 192 3.30 -16.28 23.02
C GLY A 192 2.99 -16.84 21.64
N ILE A 193 3.03 -15.94 20.65
CA ILE A 193 2.85 -16.35 19.26
C ILE A 193 4.12 -16.95 18.68
N SER A 194 5.22 -16.97 19.46
CA SER A 194 6.39 -17.73 19.08
C SER A 194 6.05 -19.20 18.88
N THR A 195 5.07 -19.69 19.64
CA THR A 195 4.66 -21.09 19.64
C THR A 195 3.26 -21.27 19.07
N SER A 196 2.32 -20.40 19.45
CA SER A 196 0.99 -20.42 18.83
C SER A 196 1.09 -20.26 17.33
N GLY A 197 1.99 -19.38 16.87
CA GLY A 197 2.18 -19.20 15.44
C GLY A 197 2.57 -20.48 14.72
N LYS A 198 3.20 -21.42 15.44
CA LYS A 198 3.59 -22.70 14.84
C LYS A 198 2.53 -23.78 15.07
N VAL A 199 1.90 -23.78 16.23
CA VAL A 199 0.91 -24.79 16.56
C VAL A 199 -0.17 -24.86 15.50
N VAL A 200 -0.57 -23.70 14.96
CA VAL A 200 -1.65 -23.63 14.00
C VAL A 200 -1.36 -24.35 12.70
N TRP A 201 -0.11 -24.79 12.47
CA TRP A 201 0.19 -25.54 11.26
C TRP A 201 -0.57 -26.87 11.24
N PHE A 202 -0.51 -27.62 12.34
CA PHE A 202 -1.27 -28.85 12.41
C PHE A 202 -2.77 -28.56 12.42
N THR A 203 -3.22 -27.67 13.32
CA THR A 203 -4.65 -27.50 13.50
C THR A 203 -5.33 -26.77 12.33
N ALA A 204 -4.59 -26.02 11.51
CA ALA A 204 -5.20 -25.36 10.36
C ALA A 204 -5.02 -26.12 9.04
N LEU A 205 -4.00 -26.98 8.94
CA LEU A 205 -3.79 -27.75 7.71
C LEU A 205 -4.38 -29.15 7.79
N PHE A 206 -4.42 -29.75 8.98
CA PHE A 206 -5.00 -31.08 9.15
C PHE A 206 -6.44 -31.19 8.63
N PRO A 207 -7.34 -30.23 8.85
CA PRO A 207 -8.66 -30.34 8.23
C PRO A 207 -8.60 -30.53 6.73
N TYR A 208 -7.69 -29.82 6.06
CA TYR A 208 -7.57 -29.95 4.61
C TYR A 208 -7.12 -31.34 4.21
N ALA A 209 -6.33 -31.99 5.06
CA ALA A 209 -6.01 -33.40 4.84
C ALA A 209 -7.26 -34.27 4.95
N VAL A 210 -7.95 -34.18 6.09
CA VAL A 210 -9.15 -34.99 6.30
C VAL A 210 -10.22 -34.65 5.26
N LEU A 211 -10.31 -33.40 4.84
CA LEU A 211 -11.27 -33.04 3.80
C LEU A 211 -10.98 -33.81 2.51
N LEU A 212 -9.72 -33.82 2.08
CA LEU A 212 -9.37 -34.47 0.82
C LEU A 212 -9.63 -35.97 0.88
N ILE A 213 -9.34 -36.60 2.02
CA ILE A 213 -9.68 -38.01 2.19
C ILE A 213 -11.20 -38.18 2.09
N LEU A 214 -11.94 -37.51 2.98
CA LEU A 214 -13.39 -37.65 3.01
C LEU A 214 -14.03 -37.15 1.73
N LEU A 215 -13.38 -36.24 1.01
CA LEU A 215 -13.93 -35.81 -0.28
C LEU A 215 -13.77 -36.90 -1.33
N ILE A 216 -12.72 -37.73 -1.22
CA ILE A 216 -12.59 -38.84 -2.15
C ILE A 216 -13.55 -39.96 -1.77
N ARG A 217 -13.49 -40.44 -0.52
CA ARG A 217 -14.39 -41.51 -0.12
C ARG A 217 -15.85 -41.10 -0.28
N GLY A 218 -16.15 -39.81 -0.07
CA GLY A 218 -17.51 -39.35 -0.29
C GLY A 218 -17.90 -39.40 -1.76
N LEU A 219 -17.02 -38.91 -2.63
CA LEU A 219 -17.36 -38.83 -4.05
C LEU A 219 -17.33 -40.20 -4.73
N THR A 220 -16.53 -41.13 -4.21
CA THR A 220 -16.46 -42.48 -4.75
C THR A 220 -17.43 -43.42 -4.02
N LEU A 221 -18.69 -42.99 -3.90
CA LEU A 221 -19.65 -43.71 -3.10
C LEU A 221 -20.97 -43.88 -3.85
N PRO A 222 -21.60 -45.07 -3.79
CA PRO A 222 -22.87 -45.27 -4.51
C PRO A 222 -23.94 -44.26 -4.11
N GLY A 223 -24.33 -43.42 -5.06
CA GLY A 223 -25.23 -42.33 -4.79
C GLY A 223 -24.57 -41.03 -4.43
N SER A 224 -23.25 -40.91 -4.64
CA SER A 224 -22.55 -39.69 -4.28
C SER A 224 -23.01 -38.51 -5.12
N PHE A 225 -23.29 -38.74 -6.40
CA PHE A 225 -23.72 -37.64 -7.26
C PHE A 225 -25.08 -37.11 -6.86
N LEU A 226 -25.98 -37.99 -6.42
CA LEU A 226 -27.32 -37.55 -6.04
C LEU A 226 -27.25 -36.47 -4.96
N GLY A 227 -26.27 -36.57 -4.06
CA GLY A 227 -26.07 -35.52 -3.08
C GLY A 227 -25.67 -34.20 -3.71
N ILE A 228 -24.65 -34.22 -4.58
CA ILE A 228 -24.15 -33.01 -5.23
C ILE A 228 -25.27 -32.26 -5.94
N GLN A 229 -26.29 -32.99 -6.40
CA GLN A 229 -27.44 -32.35 -7.03
C GLN A 229 -28.22 -31.50 -6.03
N TYR A 230 -28.67 -32.11 -4.93
CA TYR A 230 -29.35 -31.36 -3.87
C TYR A 230 -28.51 -30.20 -3.34
N TYR A 231 -27.19 -30.27 -3.47
CA TYR A 231 -26.32 -29.22 -2.96
C TYR A 231 -26.39 -27.96 -3.83
N LEU A 232 -26.23 -28.14 -5.15
CA LEU A 232 -25.98 -27.01 -6.04
C LEU A 232 -27.02 -26.79 -7.14
N THR A 233 -28.02 -27.67 -7.30
CA THR A 233 -29.00 -27.51 -8.37
C THR A 233 -29.79 -26.21 -8.20
N PRO A 234 -29.60 -25.24 -9.11
CA PRO A 234 -30.07 -23.88 -8.84
C PRO A 234 -31.57 -23.69 -9.05
N ASN A 235 -32.21 -23.05 -8.07
CA ASN A 235 -33.58 -22.56 -8.16
C ASN A 235 -33.53 -21.08 -7.81
N PHE A 236 -33.56 -20.21 -8.83
CA PHE A 236 -33.39 -18.77 -8.60
C PHE A 236 -34.63 -18.10 -8.02
N SER A 237 -35.66 -18.87 -7.66
CA SER A 237 -36.79 -18.30 -6.94
C SER A 237 -36.36 -17.72 -5.59
N ALA A 238 -35.38 -18.38 -4.95
CA ALA A 238 -34.96 -17.97 -3.61
C ALA A 238 -34.24 -16.63 -3.62
N ILE A 239 -33.54 -16.31 -4.71
CA ILE A 239 -33.02 -14.96 -4.95
C ILE A 239 -34.08 -13.92 -4.61
N TYR A 240 -35.30 -14.14 -5.10
CA TYR A 240 -36.39 -13.18 -4.88
C TYR A 240 -36.69 -13.00 -3.40
N LYS A 241 -36.72 -14.10 -2.64
CA LYS A 241 -37.02 -14.03 -1.22
C LYS A 241 -35.91 -13.28 -0.49
N ALA A 242 -36.29 -12.24 0.26
CA ALA A 242 -35.34 -11.49 1.06
C ALA A 242 -34.90 -12.25 2.32
N GLU A 243 -35.61 -13.32 2.69
CA GLU A 243 -35.15 -14.19 3.76
C GLU A 243 -33.88 -14.94 3.39
N VAL A 244 -33.52 -14.93 2.10
CA VAL A 244 -32.27 -15.56 1.67
C VAL A 244 -31.11 -14.57 1.67
N TRP A 245 -31.38 -13.29 1.34
CA TRP A 245 -30.34 -12.29 1.42
C TRP A 245 -29.96 -11.98 2.87
N VAL A 246 -30.81 -12.34 3.83
CA VAL A 246 -30.41 -12.26 5.23
C VAL A 246 -29.55 -13.47 5.61
N ASP A 247 -29.91 -14.66 5.12
CA ASP A 247 -29.11 -15.84 5.44
C ASP A 247 -27.73 -15.77 4.80
N ALA A 248 -27.63 -15.20 3.61
CA ALA A 248 -26.32 -14.94 3.03
C ALA A 248 -25.58 -13.86 3.82
N ALA A 249 -26.27 -12.77 4.14
CA ALA A 249 -25.64 -11.67 4.85
C ALA A 249 -25.19 -12.09 6.25
N THR A 250 -25.99 -12.90 6.93
CA THR A 250 -25.63 -13.32 8.28
C THR A 250 -24.54 -14.39 8.28
N GLN A 251 -24.55 -15.28 7.29
CA GLN A 251 -23.50 -16.29 7.22
C GLN A 251 -22.15 -15.68 6.84
N VAL A 252 -22.15 -14.69 5.95
CA VAL A 252 -20.90 -14.02 5.59
C VAL A 252 -20.28 -13.36 6.83
N PHE A 253 -21.12 -12.81 7.70
CA PHE A 253 -20.61 -12.08 8.86
C PHE A 253 -19.93 -13.02 9.84
N PHE A 254 -20.62 -14.09 10.29
CA PHE A 254 -20.06 -14.96 11.29
C PHE A 254 -19.02 -15.93 10.75
N SER A 255 -18.94 -16.14 9.44
CA SER A 255 -17.95 -17.05 8.87
C SER A 255 -16.58 -16.39 8.76
N LEU A 256 -16.52 -15.06 8.62
CA LEU A 256 -15.26 -14.33 8.58
C LEU A 256 -14.91 -13.67 9.90
N GLY A 257 -15.91 -13.26 10.67
CA GLY A 257 -15.72 -12.69 11.99
C GLY A 257 -14.95 -11.39 12.05
N PRO A 258 -15.45 -10.34 11.37
CA PRO A 258 -14.78 -9.04 11.45
C PRO A 258 -15.25 -8.25 12.66
N GLY A 259 -14.35 -7.39 13.16
CA GLY A 259 -14.69 -6.59 14.33
C GLY A 259 -14.78 -7.36 15.61
N PHE A 260 -14.20 -8.57 15.66
CA PHE A 260 -14.23 -9.43 16.83
C PHE A 260 -13.05 -9.22 17.77
N GLY A 261 -12.06 -8.42 17.38
CA GLY A 261 -10.88 -8.24 18.19
C GLY A 261 -9.79 -9.27 17.97
N VAL A 262 -10.02 -10.28 17.14
CA VAL A 262 -9.06 -11.35 16.90
C VAL A 262 -8.13 -10.95 15.77
N LEU A 263 -8.69 -10.73 14.57
CA LEU A 263 -7.90 -10.25 13.44
C LEU A 263 -7.09 -9.01 13.81
N LEU A 264 -7.69 -8.13 14.61
CA LEU A 264 -6.97 -6.98 15.14
C LEU A 264 -5.78 -7.43 15.97
N ALA A 265 -5.99 -8.35 16.92
CA ALA A 265 -4.90 -8.84 17.74
C ALA A 265 -3.85 -9.56 16.90
N TYR A 266 -4.29 -10.41 15.96
CA TYR A 266 -3.35 -11.14 15.13
C TYR A 266 -2.55 -10.24 14.20
N ALA A 267 -3.15 -9.13 13.75
CA ALA A 267 -2.43 -8.19 12.91
C ALA A 267 -1.47 -7.31 13.71
N SER A 268 -1.76 -7.07 14.99
CA SER A 268 -0.94 -6.17 15.79
C SER A 268 0.52 -6.61 15.85
N TYR A 269 0.80 -7.90 15.64
CA TYR A 269 2.15 -8.39 15.57
C TYR A 269 2.69 -8.41 14.14
N ASN A 270 1.87 -8.07 13.16
CA ASN A 270 2.36 -7.96 11.79
C ASN A 270 3.40 -6.85 11.68
N LYS A 271 4.30 -7.00 10.72
CA LYS A 271 5.22 -5.92 10.41
C LYS A 271 4.45 -4.79 9.73
N TYR A 272 4.82 -3.54 10.06
CA TYR A 272 4.08 -2.36 9.62
C TYR A 272 3.82 -2.39 8.11
N HIS A 273 4.88 -2.44 7.31
CA HIS A 273 4.71 -2.27 5.87
C HIS A 273 4.33 -3.57 5.14
N ASN A 274 3.79 -4.54 5.87
CA ASN A 274 3.29 -5.77 5.25
C ASN A 274 2.00 -5.48 4.47
N ASN A 275 1.91 -6.04 3.27
CA ASN A 275 0.72 -5.86 2.44
C ASN A 275 -0.48 -6.58 3.04
N VAL A 276 -1.21 -5.88 3.90
CA VAL A 276 -2.37 -6.50 4.57
C VAL A 276 -3.52 -6.69 3.59
N TYR A 277 -3.63 -5.82 2.57
CA TYR A 277 -4.67 -5.96 1.56
C TYR A 277 -4.61 -7.32 0.90
N LYS A 278 -3.41 -7.73 0.47
CA LYS A 278 -3.23 -9.07 -0.07
C LYS A 278 -3.68 -10.13 0.93
N ASP A 279 -3.27 -9.97 2.19
CA ASP A 279 -3.61 -10.95 3.21
C ASP A 279 -5.12 -11.05 3.40
N ALA A 280 -5.81 -9.90 3.38
CA ALA A 280 -7.26 -9.91 3.54
C ALA A 280 -7.94 -10.75 2.47
N LEU A 281 -7.63 -10.48 1.20
CA LEU A 281 -8.27 -11.21 0.10
C LEU A 281 -7.85 -12.67 0.07
N LEU A 282 -6.55 -12.95 0.19
CA LEU A 282 -6.10 -14.34 0.17
C LEU A 282 -6.76 -15.13 1.30
N THR A 283 -6.81 -14.54 2.49
CA THR A 283 -7.39 -15.25 3.64
C THR A 283 -8.88 -15.47 3.46
N SER A 284 -9.61 -14.42 3.11
CA SER A 284 -11.05 -14.53 2.96
C SER A 284 -11.43 -15.57 1.93
N PHE A 285 -10.64 -15.69 0.86
CA PHE A 285 -10.96 -16.68 -0.18
C PHE A 285 -10.84 -18.10 0.34
N ILE A 286 -9.68 -18.43 0.93
CA ILE A 286 -9.45 -19.77 1.47
C ILE A 286 -10.57 -20.18 2.41
N ASN A 287 -11.19 -19.20 3.08
CA ASN A 287 -12.35 -19.42 3.92
C ASN A 287 -13.53 -19.95 3.12
N SER A 288 -14.13 -19.08 2.29
CA SER A 288 -15.29 -19.49 1.51
C SER A 288 -14.96 -20.62 0.56
N ALA A 289 -13.70 -20.76 0.17
CA ALA A 289 -13.28 -21.93 -0.58
C ALA A 289 -13.49 -23.20 0.22
N THR A 290 -13.07 -23.19 1.48
CA THR A 290 -13.16 -24.39 2.31
C THR A 290 -14.61 -24.78 2.56
N SER A 291 -15.51 -23.79 2.69
CA SER A 291 -16.92 -24.12 2.89
C SER A 291 -17.53 -24.74 1.64
N PHE A 292 -17.25 -24.15 0.47
CA PHE A 292 -17.72 -24.73 -0.78
C PHE A 292 -17.22 -26.15 -0.94
N ILE A 293 -15.91 -26.34 -0.76
CA ILE A 293 -15.35 -27.69 -0.76
C ILE A 293 -16.08 -28.58 0.23
N ALA A 294 -16.24 -28.12 1.47
CA ALA A 294 -16.74 -28.98 2.53
C ALA A 294 -18.17 -29.45 2.26
N GLY A 295 -18.97 -28.62 1.58
CA GLY A 295 -20.30 -29.06 1.18
C GLY A 295 -20.27 -30.29 0.29
N PHE A 296 -19.21 -30.43 -0.50
CA PHE A 296 -19.06 -31.62 -1.33
C PHE A 296 -18.82 -32.85 -0.45
N VAL A 297 -18.01 -32.69 0.59
CA VAL A 297 -17.71 -33.79 1.50
C VAL A 297 -18.98 -34.21 2.23
N ILE A 298 -19.74 -33.23 2.74
CA ILE A 298 -20.95 -33.54 3.49
C ILE A 298 -22.02 -34.13 2.57
N PHE A 299 -22.25 -33.50 1.42
CA PHE A 299 -23.42 -33.89 0.65
C PHE A 299 -23.19 -35.10 -0.24
N SER A 300 -21.94 -35.40 -0.60
CA SER A 300 -21.64 -36.70 -1.20
C SER A 300 -22.09 -37.81 -0.26
N VAL A 301 -21.69 -37.73 1.01
CA VAL A 301 -22.14 -38.69 2.01
C VAL A 301 -23.65 -38.57 2.23
N LEU A 302 -24.17 -37.34 2.20
CA LEU A 302 -25.60 -37.14 2.43
C LEU A 302 -26.45 -37.74 1.32
N GLY A 303 -25.94 -37.73 0.08
CA GLY A 303 -26.65 -38.41 -0.99
C GLY A 303 -26.57 -39.92 -0.85
N TYR A 304 -25.42 -40.42 -0.39
CA TYR A 304 -25.26 -41.86 -0.20
C TYR A 304 -26.24 -42.40 0.82
N MET A 305 -26.58 -41.60 1.83
CA MET A 305 -27.59 -42.01 2.80
C MET A 305 -28.95 -42.19 2.14
N ALA A 306 -29.32 -41.27 1.25
CA ALA A 306 -30.63 -41.33 0.61
C ALA A 306 -30.73 -42.54 -0.33
N HIS A 307 -29.70 -42.74 -1.16
CA HIS A 307 -29.75 -43.76 -2.19
C HIS A 307 -29.54 -45.16 -1.62
N THR A 308 -28.61 -45.32 -0.67
CA THR A 308 -28.30 -46.64 -0.12
C THR A 308 -29.09 -46.94 1.15
N LEU A 309 -29.05 -46.03 2.13
CA LEU A 309 -29.63 -46.27 3.44
C LEU A 309 -31.13 -45.99 3.50
N GLY A 310 -31.71 -45.42 2.45
CA GLY A 310 -33.15 -45.24 2.39
C GLY A 310 -33.73 -44.25 3.38
N VAL A 311 -33.22 -43.02 3.37
CA VAL A 311 -33.74 -41.96 4.20
C VAL A 311 -34.17 -40.82 3.29
N ARG A 312 -35.17 -40.06 3.75
CA ARG A 312 -35.52 -38.82 3.08
C ARG A 312 -34.44 -37.78 3.38
N ILE A 313 -33.96 -37.11 2.33
CA ILE A 313 -32.79 -36.25 2.51
C ILE A 313 -33.12 -35.09 3.43
N GLU A 314 -34.32 -34.50 3.28
CA GLU A 314 -34.74 -33.43 4.17
C GLU A 314 -34.69 -33.86 5.63
N ASP A 315 -34.61 -35.16 5.90
CA ASP A 315 -34.46 -35.67 7.26
C ASP A 315 -33.02 -35.85 7.68
N VAL A 316 -32.07 -35.90 6.74
CA VAL A 316 -30.67 -35.98 7.09
C VAL A 316 -29.91 -34.70 6.75
N ALA A 317 -30.35 -33.94 5.76
CA ALA A 317 -29.72 -32.67 5.47
C ALA A 317 -30.07 -31.66 6.56
N THR A 318 -29.33 -31.69 7.65
CA THR A 318 -29.53 -30.77 8.77
C THR A 318 -28.32 -29.85 8.90
N GLU A 319 -28.44 -28.92 9.83
CA GLU A 319 -27.36 -28.01 10.19
C GLU A 319 -26.98 -28.26 11.64
N GLY A 320 -25.97 -27.53 12.10
CA GLY A 320 -25.58 -27.57 13.49
C GLY A 320 -25.00 -28.91 13.89
N PRO A 321 -24.64 -29.05 15.18
CA PRO A 321 -23.95 -30.25 15.65
C PRO A 321 -24.69 -31.57 15.39
N GLY A 322 -26.00 -31.50 15.14
CA GLY A 322 -26.72 -32.69 14.73
C GLY A 322 -26.09 -33.35 13.51
N LEU A 323 -25.53 -32.54 12.60
CA LEU A 323 -24.97 -33.09 11.38
C LEU A 323 -23.63 -33.78 11.64
N VAL A 324 -22.70 -33.10 12.33
CA VAL A 324 -21.38 -33.68 12.52
C VAL A 324 -21.38 -34.77 13.58
N PHE A 325 -22.37 -34.79 14.48
CA PHE A 325 -22.38 -35.73 15.59
C PHE A 325 -23.43 -36.83 15.49
N VAL A 326 -24.42 -36.70 14.61
CA VAL A 326 -25.42 -37.76 14.50
C VAL A 326 -25.44 -38.27 13.07
N VAL A 327 -25.75 -37.37 12.14
CA VAL A 327 -25.99 -37.73 10.75
C VAL A 327 -24.74 -38.27 10.09
N TYR A 328 -23.71 -37.44 9.92
CA TYR A 328 -22.48 -37.90 9.26
C TYR A 328 -21.82 -39.09 9.96
N PRO A 329 -21.74 -39.16 11.30
CA PRO A 329 -21.22 -40.39 11.92
C PRO A 329 -22.05 -41.61 11.62
N ALA A 330 -23.34 -41.43 11.36
CA ALA A 330 -24.21 -42.57 11.05
C ALA A 330 -23.89 -43.14 9.67
N ALA A 331 -23.55 -42.30 8.70
CA ALA A 331 -23.19 -42.81 7.40
C ALA A 331 -21.78 -43.38 7.37
N ILE A 332 -20.85 -42.79 8.15
CA ILE A 332 -19.54 -43.39 8.33
C ILE A 332 -19.69 -44.84 8.77
N ALA A 333 -20.62 -45.08 9.69
CA ALA A 333 -20.77 -46.41 10.29
C ALA A 333 -21.10 -47.48 9.26
N THR A 334 -21.72 -47.10 8.14
CA THR A 334 -22.09 -48.07 7.11
C THR A 334 -20.96 -48.37 6.14
N MET A 335 -19.98 -47.50 6.03
CA MET A 335 -18.90 -47.65 5.07
C MET A 335 -17.85 -48.64 5.56
N PRO A 336 -17.17 -49.33 4.65
CA PRO A 336 -16.01 -50.12 5.06
C PRO A 336 -14.90 -49.22 5.57
N ALA A 337 -14.05 -49.79 6.43
CA ALA A 337 -13.01 -49.03 7.15
C ALA A 337 -13.61 -47.88 7.94
N SER A 338 -14.76 -48.13 8.58
CA SER A 338 -15.50 -47.06 9.24
C SER A 338 -14.73 -46.48 10.42
N THR A 339 -13.97 -47.31 11.15
CA THR A 339 -13.18 -46.79 12.26
C THR A 339 -12.15 -45.76 11.79
N PHE A 340 -11.75 -45.79 10.52
CA PHE A 340 -10.79 -44.82 10.05
C PHE A 340 -11.47 -43.49 9.74
N TRP A 341 -12.61 -43.52 9.04
CA TRP A 341 -13.31 -42.29 8.73
C TRP A 341 -13.78 -41.61 10.02
N ALA A 342 -14.11 -42.41 11.04
CA ALA A 342 -14.49 -41.85 12.33
C ALA A 342 -13.34 -41.00 12.89
N LEU A 343 -12.16 -41.60 13.04
CA LEU A 343 -11.06 -40.92 13.72
C LEU A 343 -10.64 -39.64 13.01
N ILE A 344 -10.39 -39.70 11.70
CA ILE A 344 -9.99 -38.47 11.01
C ILE A 344 -11.08 -37.42 11.12
N PHE A 345 -12.35 -37.84 10.98
CA PHE A 345 -13.47 -36.92 11.05
C PHE A 345 -13.50 -36.16 12.37
N PHE A 346 -13.45 -36.87 13.49
CA PHE A 346 -13.52 -36.18 14.77
C PHE A 346 -12.22 -35.45 15.08
N MET A 347 -11.08 -35.99 14.64
CA MET A 347 -9.85 -35.23 14.77
C MET A 347 -9.87 -34.03 13.83
N MET A 348 -10.64 -34.10 12.73
CA MET A 348 -10.90 -32.91 11.94
C MET A 348 -11.74 -31.92 12.73
N LEU A 349 -12.90 -32.37 13.23
CA LEU A 349 -13.80 -31.49 13.95
C LEU A 349 -13.09 -30.80 15.11
N ALA A 350 -12.21 -31.52 15.80
CA ALA A 350 -11.46 -30.92 16.90
C ALA A 350 -10.55 -29.81 16.39
N THR A 351 -9.67 -30.13 15.42
CA THR A 351 -8.76 -29.12 14.91
C THR A 351 -9.50 -27.95 14.29
N LEU A 352 -10.64 -28.21 13.64
CA LEU A 352 -11.47 -27.14 13.12
C LEU A 352 -11.89 -26.13 14.19
N GLY A 353 -11.96 -26.56 15.45
CA GLY A 353 -12.39 -25.69 16.52
C GLY A 353 -11.25 -25.03 17.27
N LEU A 354 -10.09 -25.69 17.31
CA LEU A 354 -8.99 -25.22 18.14
C LEU A 354 -8.41 -23.90 17.64
N ASP A 355 -8.09 -23.83 16.33
CA ASP A 355 -7.58 -22.58 15.78
C ASP A 355 -8.53 -21.44 16.06
N SER A 356 -9.83 -21.69 15.93
CA SER A 356 -10.82 -20.65 16.14
C SER A 356 -10.95 -20.30 17.61
N SER A 357 -10.75 -21.29 18.50
CA SER A 357 -10.75 -21.02 19.92
C SER A 357 -9.48 -20.33 20.36
N PHE A 358 -8.36 -20.59 19.66
CA PHE A 358 -7.13 -19.85 19.90
C PHE A 358 -7.35 -18.35 19.73
N GLY A 359 -8.02 -17.97 18.64
CA GLY A 359 -8.21 -16.55 18.36
C GLY A 359 -8.97 -15.83 19.47
N GLY A 360 -10.01 -16.47 20.00
CA GLY A 360 -10.75 -15.88 21.10
C GLY A 360 -9.87 -15.62 22.31
N MET A 361 -9.06 -16.61 22.70
CA MET A 361 -8.16 -16.42 23.83
C MET A 361 -7.21 -15.26 23.57
N GLU A 362 -6.59 -15.23 22.39
CA GLU A 362 -5.56 -14.24 22.12
C GLU A 362 -6.14 -12.82 22.10
N ALA A 363 -7.33 -12.66 21.54
CA ALA A 363 -7.96 -11.34 21.54
C ALA A 363 -8.16 -10.82 22.95
N ILE A 364 -8.36 -11.71 23.92
CA ILE A 364 -8.44 -11.31 25.32
C ILE A 364 -7.05 -11.10 25.88
N ILE A 365 -6.15 -12.08 25.69
CA ILE A 365 -4.80 -11.97 26.23
C ILE A 365 -4.09 -10.75 25.67
N THR A 366 -4.24 -10.48 24.37
CA THR A 366 -3.54 -9.36 23.76
C THR A 366 -4.13 -8.02 24.16
N ALA A 367 -5.46 -7.92 24.23
CA ALA A 367 -6.08 -6.67 24.65
C ALA A 367 -5.69 -6.28 26.06
N LEU A 368 -5.44 -7.27 26.92
CA LEU A 368 -5.08 -6.99 28.31
C LEU A 368 -3.59 -6.76 28.48
N SER A 369 -2.78 -7.55 27.78
CA SER A 369 -1.34 -7.31 27.73
C SER A 369 -1.02 -5.90 27.29
N ASP A 370 -1.66 -5.45 26.21
CA ASP A 370 -1.43 -4.11 25.68
C ASP A 370 -2.11 -3.01 26.48
N GLU A 371 -2.63 -3.30 27.67
CA GLU A 371 -3.18 -2.25 28.50
C GLU A 371 -2.79 -2.38 29.96
N PHE A 372 -2.90 -3.58 30.51
CA PHE A 372 -2.51 -3.71 31.90
C PHE A 372 -1.21 -4.50 31.95
N PRO A 373 -0.06 -3.83 32.06
CA PRO A 373 1.22 -4.50 31.82
C PRO A 373 1.56 -5.54 32.86
N LYS A 374 0.91 -5.50 34.03
CA LYS A 374 0.98 -6.63 34.95
C LYS A 374 0.60 -7.92 34.24
N ILE A 375 -0.46 -7.87 33.42
CA ILE A 375 -0.80 -9.01 32.57
C ILE A 375 0.35 -9.31 31.61
N LYS A 376 0.85 -8.27 30.93
CA LYS A 376 1.86 -8.48 29.90
C LYS A 376 3.14 -9.08 30.48
N ARG A 377 3.64 -8.51 31.57
CA ARG A 377 4.84 -9.06 32.20
C ARG A 377 4.58 -10.45 32.77
N ASN A 378 3.33 -10.82 33.02
CA ASN A 378 2.99 -12.12 33.58
C ASN A 378 2.05 -12.90 32.66
N ARG A 379 2.44 -13.10 31.39
CA ARG A 379 1.59 -13.82 30.46
C ARG A 379 1.29 -15.25 30.90
N GLU A 380 2.32 -16.11 30.90
CA GLU A 380 2.18 -17.51 31.28
C GLU A 380 1.26 -17.63 32.48
N LEU A 381 1.49 -16.80 33.50
CA LEU A 381 0.73 -16.89 34.74
C LEU A 381 -0.71 -16.43 34.54
N PHE A 382 -0.91 -15.31 33.83
CA PHE A 382 -2.26 -14.79 33.65
C PHE A 382 -3.17 -15.80 32.96
N VAL A 383 -2.67 -16.43 31.90
CA VAL A 383 -3.50 -17.32 31.11
C VAL A 383 -3.97 -18.50 31.95
N ALA A 384 -3.10 -18.97 32.85
CA ALA A 384 -3.48 -20.04 33.78
C ALA A 384 -4.77 -19.68 34.51
N GLY A 385 -4.80 -18.49 35.10
CA GLY A 385 -6.01 -18.06 35.81
C GLY A 385 -7.21 -17.94 34.89
N LEU A 386 -7.00 -17.44 33.67
CA LEU A 386 -8.08 -17.32 32.70
C LEU A 386 -8.70 -18.69 32.39
N PHE A 387 -7.88 -19.60 31.85
CA PHE A 387 -8.38 -20.89 31.40
C PHE A 387 -8.97 -21.71 32.54
N SER A 388 -8.57 -21.43 33.78
CA SER A 388 -9.12 -22.16 34.92
C SER A 388 -10.53 -21.69 35.25
N LEU A 389 -10.77 -20.37 35.16
CA LEU A 389 -12.13 -19.84 35.25
C LEU A 389 -13.01 -20.48 34.20
N TYR A 390 -12.48 -20.63 32.97
CA TYR A 390 -13.18 -21.36 31.93
C TYR A 390 -13.50 -22.79 32.36
N PHE A 391 -12.50 -23.52 32.83
CA PHE A 391 -12.70 -24.91 33.17
C PHE A 391 -13.73 -25.06 34.30
N VAL A 392 -13.59 -24.25 35.35
CA VAL A 392 -14.45 -24.41 36.52
C VAL A 392 -15.90 -24.14 36.17
N VAL A 393 -16.17 -22.99 35.55
CA VAL A 393 -17.52 -22.74 35.04
C VAL A 393 -17.90 -23.79 34.00
N GLY A 394 -16.95 -24.18 33.15
CA GLY A 394 -17.17 -25.22 32.18
C GLY A 394 -17.68 -26.52 32.75
N LEU A 395 -17.39 -26.80 34.03
CA LEU A 395 -17.99 -27.95 34.69
C LEU A 395 -19.51 -27.87 34.72
N ALA A 396 -20.08 -26.66 34.63
CA ALA A 396 -21.52 -26.53 34.55
C ALA A 396 -22.04 -27.00 33.20
N SER A 397 -21.21 -26.95 32.16
CA SER A 397 -21.61 -27.46 30.85
C SER A 397 -21.27 -28.93 30.66
N CYS A 398 -20.55 -29.54 31.61
CA CYS A 398 -20.26 -30.96 31.58
C CYS A 398 -21.24 -31.76 32.42
N THR A 399 -22.34 -31.15 32.87
CA THR A 399 -23.36 -31.88 33.59
C THR A 399 -24.39 -32.46 32.61
N GLN A 400 -25.35 -33.20 33.15
CA GLN A 400 -26.33 -33.89 32.31
C GLN A 400 -27.22 -32.90 31.59
N GLY A 401 -27.65 -31.85 32.29
CA GLY A 401 -28.38 -30.77 31.65
C GLY A 401 -27.47 -29.71 31.08
N GLY A 402 -26.25 -30.12 30.72
CA GLY A 402 -25.27 -29.15 30.24
C GLY A 402 -25.75 -28.39 29.02
N PHE A 403 -26.29 -29.12 28.03
CA PHE A 403 -26.70 -28.51 26.76
C PHE A 403 -27.57 -27.28 26.97
N TYR A 404 -28.56 -27.38 27.88
CA TYR A 404 -29.48 -26.27 28.10
C TYR A 404 -28.72 -25.00 28.46
N PHE A 405 -27.67 -25.16 29.28
CA PHE A 405 -26.82 -24.03 29.66
C PHE A 405 -26.00 -23.52 28.47
N LEU A 406 -25.49 -24.43 27.64
CA LEU A 406 -24.79 -24.00 26.43
C LEU A 406 -25.72 -23.27 25.48
N HIS A 407 -26.90 -23.85 25.23
CA HIS A 407 -27.83 -23.25 24.28
C HIS A 407 -28.13 -21.80 24.66
N LEU A 408 -28.25 -21.52 25.95
CA LEU A 408 -28.46 -20.15 26.39
C LEU A 408 -27.29 -19.26 25.99
N LEU A 409 -26.05 -19.72 26.25
CA LEU A 409 -24.89 -18.94 25.88
C LEU A 409 -24.74 -18.82 24.37
N ASP A 410 -25.13 -19.86 23.61
CA ASP A 410 -25.10 -19.77 22.16
C ASP A 410 -25.97 -18.63 21.65
N ARG A 411 -27.01 -18.27 22.40
CA ARG A 411 -27.97 -17.27 21.96
C ARG A 411 -27.71 -15.88 22.52
N TYR A 412 -27.05 -15.76 23.66
CA TYR A 412 -26.94 -14.50 24.35
C TYR A 412 -25.51 -14.04 24.63
N ALA A 413 -24.58 -14.97 24.84
CA ALA A 413 -23.21 -14.59 25.17
C ALA A 413 -22.63 -13.63 24.14
N ALA A 414 -22.92 -13.84 22.86
CA ALA A 414 -22.40 -13.04 21.75
C ALA A 414 -23.40 -13.02 20.59
N GLY A 415 -24.65 -12.69 20.88
CA GLY A 415 -25.67 -12.73 19.84
C GLY A 415 -25.91 -11.37 19.23
N TYR A 416 -26.76 -10.57 19.86
CA TYR A 416 -26.99 -9.19 19.44
C TYR A 416 -25.93 -8.26 20.00
N SER A 417 -25.12 -8.76 20.92
CA SER A 417 -23.98 -8.05 21.48
C SER A 417 -23.02 -7.59 20.40
N ILE A 418 -22.45 -8.53 19.65
CA ILE A 418 -21.39 -8.18 18.71
C ILE A 418 -21.94 -7.35 17.55
N LEU A 419 -23.19 -7.58 17.14
CA LEU A 419 -23.73 -6.88 15.98
C LEU A 419 -23.75 -5.36 16.19
N VAL A 420 -24.18 -4.91 17.36
CA VAL A 420 -24.14 -3.47 17.65
C VAL A 420 -22.69 -3.01 17.81
N ALA A 421 -21.84 -3.83 18.43
CA ALA A 421 -20.46 -3.44 18.63
C ALA A 421 -19.76 -3.12 17.32
N VAL A 422 -19.89 -4.02 16.33
CA VAL A 422 -19.27 -3.76 15.03
C VAL A 422 -19.95 -2.60 14.31
N PHE A 423 -21.27 -2.42 14.51
CA PHE A 423 -21.91 -1.24 13.94
C PHE A 423 -21.24 0.04 14.41
N PHE A 424 -20.86 0.07 15.68
CA PHE A 424 -20.14 1.23 16.20
C PHE A 424 -18.69 1.25 15.74
N GLU A 425 -18.14 0.11 15.36
CA GLU A 425 -16.79 0.08 14.80
C GLU A 425 -16.78 0.69 13.40
N ALA A 426 -17.74 0.28 12.57
CA ALA A 426 -17.89 0.88 11.25
C ALA A 426 -18.12 2.39 11.37
N ILE A 427 -18.99 2.80 12.30
CA ILE A 427 -19.28 4.22 12.47
C ILE A 427 -18.05 4.95 13.01
N ALA A 428 -17.38 4.37 14.01
CA ALA A 428 -16.22 5.03 14.61
C ALA A 428 -15.12 5.29 13.59
N VAL A 429 -14.94 4.39 12.64
CA VAL A 429 -13.79 4.41 11.73
C VAL A 429 -14.11 5.15 10.43
N SER A 430 -15.22 4.80 9.78
CA SER A 430 -15.56 5.49 8.54
C SER A 430 -15.98 6.94 8.77
N TRP A 431 -16.46 7.29 9.96
CA TRP A 431 -17.09 8.57 10.19
CA TRP A 431 -17.08 8.59 10.18
C TRP A 431 -16.40 9.42 11.24
N ILE A 432 -16.20 8.89 12.46
CA ILE A 432 -15.62 9.71 13.52
C ILE A 432 -14.12 9.90 13.32
N TYR A 433 -13.39 8.80 13.18
CA TYR A 433 -11.97 8.86 12.85
C TYR A 433 -11.85 9.48 11.46
N GLY A 434 -12.25 8.72 10.44
CA GLY A 434 -12.33 9.23 9.09
C GLY A 434 -11.72 8.32 8.06
N THR A 435 -12.48 7.99 7.01
CA THR A 435 -11.88 7.31 5.87
C THR A 435 -10.76 8.15 5.27
N ASN A 436 -10.90 9.48 5.31
CA ASN A 436 -9.81 10.38 4.97
C ASN A 436 -8.55 10.00 5.76
N ARG A 437 -8.66 9.97 7.08
CA ARG A 437 -7.55 9.51 7.90
C ARG A 437 -7.20 8.06 7.59
N PHE A 438 -8.22 7.20 7.48
CA PHE A 438 -7.98 5.76 7.39
C PHE A 438 -7.24 5.38 6.11
N SER A 439 -7.63 5.97 4.98
CA SER A 439 -6.95 5.68 3.73
C SER A 439 -5.51 6.22 3.74
N GLU A 440 -5.32 7.40 4.33
CA GLU A 440 -3.98 7.94 4.50
C GLU A 440 -3.12 7.02 5.35
N ASP A 441 -3.73 6.36 6.34
CA ASP A 441 -3.02 5.41 7.17
C ASP A 441 -2.54 4.22 6.36
N ILE A 442 -3.45 3.68 5.53
CA ILE A 442 -3.15 2.48 4.74
C ILE A 442 -2.07 2.78 3.70
N ARG A 443 -2.17 3.92 3.03
CA ARG A 443 -1.18 4.26 2.00
C ARG A 443 0.22 4.30 2.58
N ASP A 444 0.38 4.88 3.78
CA ASP A 444 1.68 4.89 4.42
C ASP A 444 2.17 3.47 4.67
N MET A 445 1.23 2.53 4.82
CA MET A 445 1.56 1.17 5.23
C MET A 445 1.90 0.30 4.03
N ILE A 446 0.98 0.18 3.08
CA ILE A 446 1.18 -0.71 1.95
C ILE A 446 1.59 0.01 0.67
N GLY A 447 1.42 1.33 0.60
CA GLY A 447 1.94 2.11 -0.51
C GLY A 447 0.89 2.72 -1.41
N PHE A 448 -0.38 2.31 -1.30
CA PHE A 448 -1.44 2.86 -2.13
C PHE A 448 -2.69 3.02 -1.29
N PRO A 449 -3.51 4.03 -1.57
CA PRO A 449 -4.78 4.19 -0.86
C PRO A 449 -5.78 3.13 -1.30
N PRO A 450 -6.74 2.80 -0.45
CA PRO A 450 -7.78 1.84 -0.86
C PRO A 450 -8.63 2.44 -1.97
N GLY A 451 -8.98 1.60 -2.94
CA GLY A 451 -9.82 2.07 -4.03
C GLY A 451 -11.12 2.65 -3.52
N ARG A 452 -11.66 3.60 -4.28
CA ARG A 452 -12.92 4.25 -3.90
C ARG A 452 -14.04 3.25 -3.67
N TYR A 453 -13.89 2.01 -4.16
CA TYR A 453 -14.86 0.98 -3.86
C TYR A 453 -14.88 0.67 -2.37
N TRP A 454 -13.71 0.33 -1.82
CA TRP A 454 -13.61 -0.01 -0.40
C TRP A 454 -14.15 1.11 0.49
N GLN A 455 -13.69 2.33 0.26
CA GLN A 455 -14.14 3.48 1.05
C GLN A 455 -15.65 3.54 1.12
N VAL A 456 -16.32 3.27 0.01
CA VAL A 456 -17.78 3.37 -0.05
C VAL A 456 -18.43 2.23 0.73
N CYS A 457 -17.86 1.03 0.65
CA CYS A 457 -18.38 -0.08 1.43
C CYS A 457 -18.19 0.15 2.92
N TRP A 458 -17.07 0.76 3.30
CA TRP A 458 -16.81 1.06 4.70
C TRP A 458 -17.75 2.11 5.26
N ARG A 459 -18.13 3.10 4.45
CA ARG A 459 -18.79 4.27 5.00
C ARG A 459 -20.30 4.14 5.03
N PHE A 460 -20.90 3.41 4.08
CA PHE A 460 -22.36 3.32 4.02
C PHE A 460 -22.86 1.89 3.98
N VAL A 461 -22.34 1.10 3.04
CA VAL A 461 -22.86 -0.25 2.81
C VAL A 461 -22.77 -1.08 4.08
N ALA A 462 -21.57 -1.20 4.64
CA ALA A 462 -21.37 -2.02 5.83
C ALA A 462 -22.29 -1.62 6.98
N PRO A 463 -22.45 -0.33 7.34
CA PRO A 463 -23.44 -0.01 8.37
C PRO A 463 -24.86 -0.48 8.06
N ILE A 464 -25.33 -0.35 6.81
CA ILE A 464 -26.67 -0.85 6.52
C ILE A 464 -26.66 -2.35 6.26
N PHE A 465 -25.49 -2.93 5.97
CA PHE A 465 -25.36 -4.38 5.91
C PHE A 465 -25.50 -4.99 7.29
N LEU A 466 -24.77 -4.45 8.28
CA LEU A 466 -24.99 -4.83 9.67
C LEU A 466 -26.42 -4.52 10.10
N LEU A 467 -26.95 -3.38 9.66
CA LEU A 467 -28.32 -3.00 10.01
C LEU A 467 -29.31 -3.98 9.41
N PHE A 468 -29.08 -4.38 8.15
CA PHE A 468 -29.90 -5.40 7.49
C PHE A 468 -30.10 -6.61 8.38
N ILE A 469 -29.02 -7.07 9.02
CA ILE A 469 -29.10 -8.28 9.82
C ILE A 469 -29.80 -8.03 11.15
N THR A 470 -29.39 -6.97 11.86
CA THR A 470 -29.95 -6.73 13.19
C THR A 470 -31.44 -6.44 13.13
N VAL A 471 -31.90 -5.77 12.07
CA VAL A 471 -33.31 -5.48 11.89
C VAL A 471 -34.05 -6.78 11.62
N TYR A 472 -33.75 -7.42 10.47
CA TYR A 472 -34.36 -8.70 10.12
C TYR A 472 -34.02 -9.81 11.10
N GLY A 473 -33.12 -9.57 12.05
CA GLY A 473 -32.77 -10.54 13.07
C GLY A 473 -33.56 -10.37 14.35
N LEU A 474 -34.01 -9.14 14.63
CA LEU A 474 -34.93 -8.88 15.73
C LEU A 474 -36.38 -9.17 15.36
N ILE A 475 -36.73 -9.05 14.07
CA ILE A 475 -38.08 -9.34 13.61
C ILE A 475 -38.42 -10.81 13.88
N GLY A 476 -37.42 -11.68 13.82
CA GLY A 476 -37.65 -13.10 14.03
C GLY A 476 -37.41 -13.59 15.45
N TYR A 477 -37.49 -12.68 16.42
CA TYR A 477 -37.31 -13.09 17.81
C TYR A 477 -38.37 -14.12 18.19
N GLU A 478 -37.95 -15.12 18.95
CA GLU A 478 -38.79 -16.16 19.48
C GLU A 478 -38.15 -16.42 20.84
N PRO A 479 -38.93 -16.69 21.88
CA PRO A 479 -38.33 -17.08 23.16
C PRO A 479 -37.49 -18.32 23.02
N LEU A 480 -36.50 -18.46 23.90
CA LEU A 480 -35.55 -19.57 23.82
C LEU A 480 -36.27 -20.89 24.08
N THR A 481 -36.17 -21.82 23.12
CA THR A 481 -36.72 -23.15 23.26
C THR A 481 -35.77 -24.17 22.64
N TYR A 482 -35.72 -25.35 23.24
CA TYR A 482 -35.10 -26.55 22.67
C TYR A 482 -36.07 -27.69 22.86
N ALA A 483 -36.26 -28.49 21.81
CA ALA A 483 -37.28 -29.55 21.79
C ALA A 483 -38.60 -28.91 22.21
N ASP A 484 -39.30 -29.47 23.19
CA ASP A 484 -40.44 -28.79 23.80
C ASP A 484 -40.05 -27.94 25.00
N TYR A 485 -38.79 -27.99 25.44
CA TYR A 485 -38.39 -27.25 26.63
C TYR A 485 -38.49 -25.76 26.35
N VAL A 486 -39.45 -25.11 26.99
CA VAL A 486 -39.55 -23.65 26.96
C VAL A 486 -38.70 -23.11 28.11
N TYR A 487 -37.69 -22.32 27.79
CA TYR A 487 -36.82 -21.76 28.82
C TYR A 487 -37.59 -20.75 29.67
N PRO A 488 -37.41 -20.77 30.99
CA PRO A 488 -38.19 -19.87 31.85
C PRO A 488 -37.82 -18.41 31.61
N SER A 489 -38.77 -17.53 31.93
CA SER A 489 -38.59 -16.10 31.68
C SER A 489 -37.37 -15.54 32.39
N TRP A 490 -36.99 -16.10 33.54
CA TRP A 490 -35.81 -15.63 34.25
C TRP A 490 -34.52 -16.07 33.59
N ALA A 491 -34.54 -17.16 32.82
CA ALA A 491 -33.34 -17.60 32.11
C ALA A 491 -33.03 -16.65 30.96
N ASN A 492 -34.06 -16.21 30.24
CA ASN A 492 -33.85 -15.20 29.20
C ASN A 492 -33.38 -13.89 29.81
N ALA A 493 -34.05 -13.42 30.87
CA ALA A 493 -33.61 -12.22 31.56
C ALA A 493 -32.14 -12.31 31.96
N LEU A 494 -31.71 -13.48 32.41
CA LEU A 494 -30.30 -13.71 32.66
C LEU A 494 -29.48 -13.53 31.39
N GLY A 495 -29.86 -14.25 30.33
CA GLY A 495 -29.14 -14.12 29.07
C GLY A 495 -29.19 -12.73 28.49
N TRP A 496 -30.20 -11.93 28.85
CA TRP A 496 -30.20 -10.53 28.47
C TRP A 496 -29.14 -9.74 29.22
N CYS A 497 -28.85 -10.13 30.47
CA CYS A 497 -27.79 -9.45 31.20
C CYS A 497 -26.43 -9.66 30.54
N ILE A 498 -26.13 -10.91 30.18
CA ILE A 498 -24.83 -11.17 29.56
C ILE A 498 -24.79 -10.61 28.14
N ALA A 499 -25.94 -10.45 27.51
CA ALA A 499 -25.96 -9.73 26.23
C ALA A 499 -25.81 -8.23 26.44
N GLY A 500 -26.34 -7.71 27.54
CA GLY A 500 -26.24 -6.30 27.85
C GLY A 500 -24.89 -5.93 28.44
N SER A 501 -24.30 -6.84 29.22
CA SER A 501 -23.03 -6.59 29.90
C SER A 501 -21.89 -6.28 28.95
N SER A 502 -22.09 -6.44 27.65
CA SER A 502 -21.12 -6.06 26.64
C SER A 502 -21.41 -4.68 26.05
N VAL A 503 -22.62 -4.52 25.48
CA VAL A 503 -22.98 -3.28 24.83
C VAL A 503 -23.04 -2.12 25.82
N VAL A 504 -23.36 -2.41 27.09
CA VAL A 504 -23.52 -1.34 28.08
C VAL A 504 -22.21 -0.58 28.27
N MET A 505 -21.08 -1.26 28.10
CA MET A 505 -19.78 -0.63 28.24
C MET A 505 -19.44 0.29 27.08
N ILE A 506 -20.31 0.43 26.09
CA ILE A 506 -20.09 1.40 25.02
C ILE A 506 -20.55 2.76 25.53
N PRO A 507 -21.82 2.96 25.90
CA PRO A 507 -22.20 4.26 26.47
C PRO A 507 -21.72 4.48 27.90
N ALA A 508 -21.34 3.41 28.62
CA ALA A 508 -20.74 3.60 29.93
C ALA A 508 -19.42 4.35 29.84
N VAL A 509 -18.45 3.77 29.11
CA VAL A 509 -17.14 4.42 28.96
C VAL A 509 -17.18 5.62 28.04
N ALA A 510 -18.25 5.79 27.26
CA ALA A 510 -18.50 7.08 26.64
C ALA A 510 -18.82 8.13 27.70
N ILE A 511 -19.74 7.80 28.61
CA ILE A 511 -20.11 8.73 29.68
C ILE A 511 -18.96 8.91 30.66
N PHE A 512 -18.32 7.80 31.07
CA PHE A 512 -17.26 7.93 32.07
C PHE A 512 -16.08 8.73 31.54
N LYS A 513 -15.77 8.61 30.24
CA LYS A 513 -14.68 9.38 29.68
C LYS A 513 -15.08 10.83 29.47
N LEU A 514 -16.37 11.09 29.21
CA LEU A 514 -16.86 12.46 29.11
C LEU A 514 -16.69 13.18 30.46
N LEU A 515 -17.26 12.60 31.52
CA LEU A 515 -17.30 13.27 32.81
C LEU A 515 -15.92 13.37 33.45
N SER A 516 -14.94 12.58 33.00
CA SER A 516 -13.63 12.51 33.61
C SER A 516 -12.62 13.49 32.99
N THR A 517 -13.08 14.48 32.25
CA THR A 517 -12.20 15.36 31.50
C THR A 517 -12.68 16.80 31.62
N PRO A 518 -11.79 17.79 31.42
CA PRO A 518 -12.15 19.19 31.66
C PRO A 518 -12.46 20.00 30.41
N GLY A 519 -13.47 20.86 30.45
CA GLY A 519 -13.74 21.83 29.40
C GLY A 519 -15.23 22.01 29.17
N SER A 520 -15.55 22.49 27.98
CA SER A 520 -16.92 22.75 27.52
C SER A 520 -17.24 21.77 26.39
N LEU A 521 -18.53 21.61 26.08
CA LEU A 521 -18.97 20.40 25.39
C LEU A 521 -18.27 20.22 24.04
N ARG A 522 -18.24 21.27 23.21
CA ARG A 522 -17.54 21.13 21.93
C ARG A 522 -16.04 21.03 22.12
N GLN A 523 -15.52 21.63 23.20
CA GLN A 523 -14.18 21.37 23.67
C GLN A 523 -14.07 20.00 24.33
N ARG A 524 -15.22 19.41 24.69
CA ARG A 524 -15.25 18.10 25.33
C ARG A 524 -15.16 16.99 24.29
N PHE A 525 -16.03 17.05 23.27
CA PHE A 525 -15.98 16.04 22.23
C PHE A 525 -14.70 16.15 21.41
N THR A 526 -14.24 17.37 21.14
CA THR A 526 -12.99 17.56 20.40
C THR A 526 -11.83 16.86 21.09
N ILE A 527 -11.74 16.98 22.42
CA ILE A 527 -10.64 16.34 23.12
C ILE A 527 -10.81 14.82 23.16
N LEU A 528 -12.06 14.35 23.08
CA LEU A 528 -12.33 12.91 23.04
C LEU A 528 -12.63 12.38 21.65
N THR A 529 -12.51 13.21 20.61
CA THR A 529 -12.63 12.74 19.24
C THR A 529 -11.35 12.91 18.42
N THR A 530 -10.32 13.55 18.98
CA THR A 530 -9.02 13.59 18.33
C THR A 530 -8.16 12.42 18.79
N PRO A 531 -7.63 11.60 17.86
CA PRO A 531 -6.91 10.39 18.26
C PRO A 531 -5.58 10.68 18.94
N TRP A 532 -4.84 9.63 19.34
CA TRP A 532 -3.53 9.84 19.92
C TRP A 532 -2.47 10.12 18.87
N ARG A 533 -2.48 9.36 17.77
CA ARG A 533 -1.48 9.58 16.73
C ARG A 533 -1.50 11.01 16.21
N ASP A 534 -2.67 11.66 16.26
CA ASP A 534 -2.79 13.04 15.79
C ASP A 534 -2.26 14.03 16.82
N GLU B 1 20.91 4.33 3.10
CA GLU B 1 20.48 4.80 1.79
C GLU B 1 20.81 3.79 0.69
N ASN B 2 19.90 3.70 -0.27
CA ASN B 2 19.98 2.76 -1.39
C ASN B 2 20.55 3.48 -2.60
N VAL B 3 21.84 3.27 -2.86
CA VAL B 3 22.55 3.97 -3.93
C VAL B 3 22.23 3.32 -5.27
N LEU B 4 21.79 4.12 -6.24
CA LEU B 4 21.49 3.66 -7.59
C LEU B 4 22.50 4.25 -8.56
N THR B 5 23.09 3.39 -9.40
CA THR B 5 23.98 3.82 -10.47
C THR B 5 23.51 3.25 -11.80
N GLN B 6 23.56 4.08 -12.85
CA GLN B 6 23.12 3.71 -14.18
C GLN B 6 24.27 3.79 -15.17
N SER B 7 24.22 2.91 -16.18
CA SER B 7 25.23 2.89 -17.23
C SER B 7 24.56 2.67 -18.57
N PRO B 8 25.15 3.22 -19.66
CA PRO B 8 26.33 4.08 -19.62
C PRO B 8 25.99 5.47 -19.11
N ALA B 9 26.98 6.35 -18.94
CA ALA B 9 26.66 7.73 -18.59
C ALA B 9 26.16 8.49 -19.81
N ILE B 10 26.83 8.36 -20.94
CA ILE B 10 26.39 8.96 -22.20
C ILE B 10 26.34 7.84 -23.23
N MET B 11 25.44 8.00 -24.21
CA MET B 11 25.15 6.96 -25.19
C MET B 11 24.74 7.63 -26.49
N SER B 12 25.63 7.62 -27.47
CA SER B 12 25.31 8.08 -28.81
C SER B 12 24.74 6.90 -29.60
N THR B 13 23.62 7.15 -30.28
CA THR B 13 22.93 6.11 -31.03
C THR B 13 22.36 6.71 -32.31
N SER B 14 22.49 5.97 -33.41
CA SER B 14 21.83 6.32 -34.66
C SER B 14 20.34 6.03 -34.57
N PRO B 15 19.49 6.92 -35.08
CA PRO B 15 18.05 6.66 -35.07
C PRO B 15 17.72 5.35 -35.75
N GLY B 16 16.69 4.67 -35.22
CA GLY B 16 16.29 3.37 -35.69
C GLY B 16 16.96 2.21 -34.98
N GLU B 17 18.18 2.42 -34.48
CA GLU B 17 18.92 1.40 -33.75
C GLU B 17 18.18 0.98 -32.49
N LYS B 18 18.77 0.07 -31.73
CA LYS B 18 18.22 -0.41 -30.47
C LYS B 18 19.16 -0.04 -29.34
N VAL B 19 18.60 0.55 -28.28
CA VAL B 19 19.39 1.01 -27.15
C VAL B 19 18.90 0.33 -25.87
N THR B 20 19.83 0.08 -24.96
CA THR B 20 19.54 -0.49 -23.66
C THR B 20 20.32 0.28 -22.61
N MET B 21 19.68 0.48 -21.47
CA MET B 21 20.27 1.18 -20.34
C MET B 21 20.01 0.35 -19.09
N THR B 22 20.91 0.43 -18.11
CA THR B 22 20.80 -0.40 -16.93
C THR B 22 20.79 0.44 -15.66
N CYS B 23 20.15 -0.09 -14.63
CA CYS B 23 19.99 0.56 -13.33
C CYS B 23 20.27 -0.49 -12.26
N ARG B 24 21.28 -0.25 -11.42
CA ARG B 24 21.74 -1.24 -10.45
C ARG B 24 21.75 -0.63 -9.05
N ALA B 25 21.04 -1.29 -8.13
CA ALA B 25 20.83 -0.80 -6.78
C ALA B 25 21.84 -1.38 -5.80
N SER B 26 22.33 -0.54 -4.89
CA SER B 26 23.27 -1.01 -3.87
C SER B 26 22.59 -1.95 -2.89
N SER B 27 21.30 -1.76 -2.63
CA SER B 27 20.48 -2.66 -1.85
C SER B 27 19.37 -3.20 -2.74
N SER B 28 18.86 -4.39 -2.43
CA SER B 28 17.85 -4.98 -3.31
C SER B 28 16.57 -4.15 -3.28
N VAL B 29 15.85 -4.17 -4.39
CA VAL B 29 14.63 -3.39 -4.58
C VAL B 29 13.53 -4.30 -5.12
N GLY B 30 12.38 -4.29 -4.46
CA GLY B 30 11.24 -5.03 -4.96
C GLY B 30 10.81 -4.51 -6.32
N SER B 31 10.45 -5.45 -7.21
CA SER B 31 10.18 -5.09 -8.59
C SER B 31 9.08 -4.04 -8.71
N SER B 32 8.15 -4.02 -7.78
CA SER B 32 6.96 -3.19 -7.97
C SER B 32 7.21 -1.71 -7.68
N TYR B 33 8.42 -1.32 -7.32
CA TYR B 33 8.68 0.04 -6.84
C TYR B 33 9.66 0.82 -7.70
N LEU B 34 10.33 0.20 -8.66
CA LEU B 34 11.33 0.88 -9.47
C LEU B 34 10.65 1.49 -10.70
N HIS B 35 10.81 2.80 -10.87
CA HIS B 35 10.19 3.58 -11.93
C HIS B 35 11.27 4.22 -12.79
N TRP B 36 10.83 4.86 -13.89
CA TRP B 36 11.75 5.47 -14.85
C TRP B 36 11.20 6.82 -15.28
N TYR B 37 12.06 7.84 -15.27
CA TYR B 37 11.67 9.19 -15.68
C TYR B 37 12.47 9.66 -16.87
N GLN B 38 11.77 10.21 -17.86
CA GLN B 38 12.38 10.88 -19.00
C GLN B 38 12.40 12.38 -18.73
N GLN B 39 13.55 13.01 -18.96
CA GLN B 39 13.69 14.45 -18.78
C GLN B 39 14.44 15.03 -19.97
N LYS B 40 13.77 15.92 -20.71
CA LYS B 40 14.36 16.57 -21.87
C LYS B 40 15.20 17.77 -21.44
N SER B 41 16.09 18.17 -22.35
CA SER B 41 17.05 19.23 -22.08
C SER B 41 16.35 20.52 -21.71
N GLY B 42 16.28 20.82 -20.42
CA GLY B 42 15.64 22.05 -19.98
C GLY B 42 14.15 21.94 -19.81
N ALA B 43 13.66 20.82 -19.27
CA ALA B 43 12.25 20.66 -18.98
C ALA B 43 12.11 19.91 -17.67
N SER B 44 10.90 19.94 -17.13
CA SER B 44 10.58 19.13 -15.96
C SER B 44 10.61 17.66 -16.32
N PRO B 45 11.00 16.80 -15.38
CA PRO B 45 10.97 15.35 -15.65
C PRO B 45 9.55 14.86 -15.85
N LYS B 46 9.44 13.70 -16.49
CA LYS B 46 8.16 13.10 -16.83
C LYS B 46 8.18 11.63 -16.45
N LEU B 47 7.14 11.20 -15.74
CA LEU B 47 7.03 9.78 -15.42
C LEU B 47 6.87 8.96 -16.69
N TRP B 48 7.74 7.98 -16.87
CA TRP B 48 7.82 7.22 -18.11
C TRP B 48 7.40 5.76 -17.94
N ILE B 49 7.92 5.07 -16.94
CA ILE B 49 7.62 3.65 -16.70
C ILE B 49 7.45 3.46 -15.20
N TYR B 50 6.32 2.88 -14.78
CA TYR B 50 6.04 2.70 -13.37
C TYR B 50 5.97 1.21 -13.06
N SER B 51 6.65 0.78 -12.00
CA SER B 51 6.64 -0.62 -11.58
C SER B 51 7.25 -1.52 -12.66
N THR B 52 8.50 -1.21 -12.97
CA THR B 52 9.36 -2.03 -13.81
C THR B 52 9.00 -1.99 -15.30
N SER B 53 7.78 -2.34 -15.68
CA SER B 53 7.50 -2.52 -17.10
C SER B 53 6.37 -1.66 -17.65
N ASN B 54 5.49 -1.13 -16.81
CA ASN B 54 4.26 -0.49 -17.27
C ASN B 54 4.57 0.91 -17.77
N LEU B 55 4.23 1.15 -19.04
CA LEU B 55 4.39 2.47 -19.61
C LEU B 55 3.32 3.42 -19.06
N ALA B 56 3.68 4.69 -18.97
CA ALA B 56 2.74 5.72 -18.59
C ALA B 56 2.00 6.23 -19.82
N SER B 57 0.84 6.84 -19.57
CA SER B 57 0.02 7.31 -20.69
C SER B 57 0.77 8.36 -21.50
N GLY B 58 0.78 8.17 -22.81
CA GLY B 58 1.54 9.02 -23.70
C GLY B 58 2.90 8.49 -24.08
N VAL B 59 3.39 7.44 -23.44
CA VAL B 59 4.69 6.88 -23.72
C VAL B 59 4.53 5.89 -24.88
N PRO B 60 5.22 6.10 -26.00
CA PRO B 60 5.08 5.20 -27.15
C PRO B 60 5.38 3.75 -26.78
N ALA B 61 4.69 2.83 -27.47
CA ALA B 61 4.88 1.41 -27.21
C ALA B 61 6.25 0.90 -27.66
N ARG B 62 7.04 1.74 -28.33
CA ARG B 62 8.41 1.38 -28.67
C ARG B 62 9.30 1.25 -27.44
N PHE B 63 8.83 1.68 -26.28
CA PHE B 63 9.58 1.61 -25.03
C PHE B 63 9.21 0.35 -24.27
N SER B 64 10.22 -0.31 -23.70
CA SER B 64 10.02 -1.47 -22.86
C SER B 64 10.81 -1.32 -21.56
N GLY B 65 10.51 -2.20 -20.61
CA GLY B 65 11.18 -2.19 -19.33
C GLY B 65 11.17 -3.57 -18.72
N SER B 66 12.29 -3.94 -18.09
CA SER B 66 12.43 -5.26 -17.50
C SER B 66 13.46 -5.19 -16.38
N GLY B 67 13.64 -6.32 -15.69
CA GLY B 67 14.57 -6.41 -14.59
C GLY B 67 13.90 -6.96 -13.35
N SER B 68 14.73 -7.18 -12.32
CA SER B 68 14.28 -7.66 -11.03
C SER B 68 15.45 -7.59 -10.06
N GLY B 69 15.14 -7.68 -8.78
CA GLY B 69 16.16 -7.76 -7.75
C GLY B 69 17.01 -6.50 -7.73
N THR B 70 18.30 -6.69 -8.05
CA THR B 70 19.26 -5.61 -7.99
C THR B 70 19.70 -5.13 -9.36
N SER B 71 19.00 -5.51 -10.43
CA SER B 71 19.39 -5.11 -11.78
C SER B 71 18.15 -4.96 -12.64
N TYR B 72 17.92 -3.74 -13.13
CA TYR B 72 16.80 -3.41 -14.00
C TYR B 72 17.33 -2.71 -15.24
N SER B 73 16.53 -2.71 -16.31
CA SER B 73 16.95 -2.09 -17.55
C SER B 73 15.76 -1.44 -18.25
N LEU B 74 16.06 -0.38 -19.00
CA LEU B 74 15.10 0.23 -19.91
C LEU B 74 15.61 0.02 -21.32
N THR B 75 14.72 -0.36 -22.24
CA THR B 75 15.10 -0.73 -23.59
C THR B 75 14.20 -0.03 -24.59
N ILE B 76 14.80 0.70 -25.53
CA ILE B 76 14.09 1.31 -26.64
C ILE B 76 14.29 0.44 -27.86
N SER B 77 13.18 0.00 -28.47
CA SER B 77 13.23 -0.84 -29.66
C SER B 77 13.99 -0.16 -30.79
N SER B 78 13.36 0.83 -31.42
CA SER B 78 13.96 1.57 -32.53
C SER B 78 13.79 3.06 -32.26
N VAL B 79 14.90 3.74 -31.99
CA VAL B 79 14.88 5.11 -31.48
C VAL B 79 14.59 6.09 -32.62
N GLU B 80 13.88 7.18 -32.30
CA GLU B 80 13.91 8.38 -33.11
C GLU B 80 14.55 9.51 -32.30
N ALA B 81 14.84 10.60 -33.00
CA ALA B 81 15.48 11.77 -32.40
C ALA B 81 14.58 12.49 -31.39
N GLU B 82 13.28 12.21 -31.37
CA GLU B 82 12.44 12.78 -30.32
C GLU B 82 12.62 12.06 -28.98
N ASP B 83 13.55 11.13 -28.92
CA ASP B 83 13.90 10.42 -27.69
C ASP B 83 15.25 10.80 -27.12
N ALA B 84 15.95 11.76 -27.72
CA ALA B 84 17.16 12.30 -27.12
C ALA B 84 16.77 12.97 -25.81
N ALA B 85 17.18 12.38 -24.69
CA ALA B 85 16.81 12.86 -23.37
C ALA B 85 17.83 12.32 -22.38
N THR B 86 17.61 12.60 -21.10
CA THR B 86 18.34 11.95 -20.02
C THR B 86 17.34 11.18 -19.18
N TYR B 87 17.62 9.90 -18.93
CA TYR B 87 16.69 9.00 -18.30
C TYR B 87 17.17 8.64 -16.91
N TYR B 88 16.26 8.74 -15.94
CA TYR B 88 16.56 8.48 -14.54
C TYR B 88 15.69 7.33 -14.06
N CYS B 89 16.28 6.42 -13.28
CA CYS B 89 15.50 5.44 -12.54
C CYS B 89 15.32 5.92 -11.10
N GLN B 90 14.35 5.32 -10.41
CA GLN B 90 13.99 5.74 -9.07
C GLN B 90 13.43 4.54 -8.32
N GLN B 91 13.75 4.43 -7.04
CA GLN B 91 13.17 3.41 -6.17
C GLN B 91 12.23 4.06 -5.17
N PHE B 92 11.14 3.36 -4.85
CA PHE B 92 10.11 3.88 -3.96
C PHE B 92 9.83 2.91 -2.81
N SER B 93 10.75 1.98 -2.56
CA SER B 93 10.52 0.95 -1.54
C SER B 93 10.80 1.46 -0.14
N GLY B 94 11.85 2.26 0.02
CA GLY B 94 12.29 2.67 1.34
C GLY B 94 12.73 4.12 1.37
N TYR B 95 12.86 4.64 2.58
CA TYR B 95 13.30 6.01 2.71
C TYR B 95 14.73 6.05 3.22
N PRO B 96 15.58 6.95 2.69
CA PRO B 96 15.21 7.97 1.71
C PRO B 96 14.98 7.43 0.29
N LEU B 97 14.02 8.02 -0.40
CA LEU B 97 13.83 7.71 -1.82
C LEU B 97 15.02 8.21 -2.61
N THR B 98 15.47 7.39 -3.57
CA THR B 98 16.70 7.69 -4.29
C THR B 98 16.49 7.61 -5.80
N PHE B 99 17.19 8.48 -6.52
CA PHE B 99 17.19 8.52 -7.98
C PHE B 99 18.56 8.07 -8.48
N GLY B 100 18.58 7.39 -9.63
CA GLY B 100 19.82 6.95 -10.22
C GLY B 100 20.58 8.05 -10.92
N SER B 101 21.82 7.74 -11.28
CA SER B 101 22.73 8.72 -11.88
C SER B 101 22.26 9.20 -13.24
N GLY B 102 21.40 8.43 -13.91
CA GLY B 102 20.87 8.85 -15.19
C GLY B 102 21.74 8.49 -16.38
N THR B 103 21.11 8.29 -17.52
CA THR B 103 21.80 8.03 -18.77
C THR B 103 21.39 9.09 -19.77
N LYS B 104 22.36 9.72 -20.42
CA LYS B 104 22.09 10.75 -21.42
C LYS B 104 22.12 10.12 -22.80
N LEU B 105 20.95 9.95 -23.39
CA LEU B 105 20.81 9.42 -24.74
C LEU B 105 21.00 10.56 -25.74
N GLU B 106 22.08 10.47 -26.52
CA GLU B 106 22.40 11.48 -27.51
C GLU B 106 22.29 10.87 -28.91
N MET B 107 21.91 11.70 -29.88
CA MET B 107 21.74 11.23 -31.25
C MET B 107 23.07 11.19 -31.98
N LYS B 108 23.28 10.12 -32.73
CA LYS B 108 24.48 9.95 -33.53
C LYS B 108 24.20 10.39 -34.96
N ARG B 109 25.16 11.11 -35.55
CA ARG B 109 25.02 11.65 -36.89
C ARG B 109 26.38 11.55 -37.59
N ALA B 110 26.41 11.93 -38.86
CA ALA B 110 27.66 11.97 -39.59
C ALA B 110 28.50 13.16 -39.13
N ASP B 111 29.83 12.98 -39.18
CA ASP B 111 30.75 13.99 -38.67
C ASP B 111 30.59 15.30 -39.43
N ALA B 112 31.09 16.38 -38.82
CA ALA B 112 30.95 17.72 -39.37
C ALA B 112 32.03 18.60 -38.77
N ALA B 113 32.86 19.20 -39.62
CA ALA B 113 33.89 20.12 -39.17
C ALA B 113 33.26 21.42 -38.67
N PRO B 114 33.89 22.11 -37.72
CA PRO B 114 33.30 23.32 -37.16
C PRO B 114 33.49 24.51 -38.09
N THR B 115 32.78 25.60 -37.77
CA THR B 115 32.93 26.87 -38.45
C THR B 115 33.43 27.89 -37.44
N VAL B 116 34.75 28.03 -37.38
CA VAL B 116 35.39 28.97 -36.47
C VAL B 116 35.17 30.39 -36.96
N SER B 117 34.96 31.32 -36.02
CA SER B 117 34.92 32.74 -36.32
C SER B 117 35.40 33.49 -35.08
N ILE B 118 36.46 34.29 -35.23
CA ILE B 118 37.08 34.98 -34.10
C ILE B 118 36.66 36.44 -34.08
N PHE B 119 36.46 36.97 -32.87
CA PHE B 119 35.94 38.31 -32.68
C PHE B 119 36.88 39.10 -31.77
N PRO B 120 37.31 40.28 -32.17
CA PRO B 120 38.23 41.06 -31.34
C PRO B 120 37.51 41.62 -30.13
N PRO B 121 38.24 42.21 -29.19
CA PRO B 121 37.59 42.87 -28.05
C PRO B 121 36.70 44.02 -28.51
N SER B 122 35.51 44.09 -27.91
CA SER B 122 34.55 45.15 -28.20
C SER B 122 35.13 46.52 -27.92
N SER B 123 34.52 47.54 -28.53
CA SER B 123 34.95 48.91 -28.31
C SER B 123 34.47 49.44 -26.97
N GLU B 124 33.26 49.06 -26.55
CA GLU B 124 32.77 49.50 -25.24
C GLU B 124 33.56 48.87 -24.12
N GLN B 125 34.00 47.61 -24.31
CA GLN B 125 34.72 46.91 -23.26
C GLN B 125 36.10 47.51 -23.05
N LEU B 126 36.74 47.96 -24.13
CA LEU B 126 38.07 48.56 -24.04
C LEU B 126 38.08 49.82 -23.17
N THR B 127 37.00 50.61 -23.21
CA THR B 127 36.94 51.77 -22.32
C THR B 127 36.91 51.35 -20.87
N SER B 128 36.34 50.18 -20.58
CA SER B 128 36.26 49.66 -19.22
C SER B 128 37.55 49.02 -18.75
N GLY B 129 38.66 49.23 -19.47
CA GLY B 129 39.91 48.59 -19.12
C GLY B 129 39.97 47.10 -19.31
N GLY B 130 38.89 46.49 -19.82
CA GLY B 130 38.89 45.06 -20.08
C GLY B 130 38.95 44.77 -21.56
N ALA B 131 39.39 43.56 -21.92
CA ALA B 131 39.51 43.19 -23.33
C ALA B 131 39.44 41.66 -23.40
N SER B 132 38.34 41.13 -23.90
CA SER B 132 38.14 39.70 -24.04
C SER B 132 37.85 39.34 -25.49
N VAL B 133 38.60 38.38 -26.00
CA VAL B 133 38.48 37.93 -27.39
C VAL B 133 37.58 36.70 -27.42
N VAL B 134 36.56 36.73 -28.26
CA VAL B 134 35.56 35.67 -28.32
C VAL B 134 35.78 34.87 -29.59
N CYS B 135 35.81 33.54 -29.45
CA CYS B 135 35.93 32.63 -30.59
C CYS B 135 34.75 31.67 -30.55
N PHE B 136 33.97 31.63 -31.62
CA PHE B 136 32.82 30.75 -31.72
C PHE B 136 33.19 29.56 -32.59
N LEU B 137 32.76 28.37 -32.18
CA LEU B 137 32.92 27.14 -32.96
C LEU B 137 31.56 26.47 -33.06
N ASN B 138 30.95 26.53 -34.24
CA ASN B 138 29.52 26.25 -34.37
C ASN B 138 29.26 25.06 -35.28
N ASN B 139 28.20 24.32 -34.94
CA ASN B 139 27.64 23.23 -35.75
C ASN B 139 28.69 22.22 -36.20
N PHE B 140 29.02 21.28 -35.32
CA PHE B 140 30.06 20.29 -35.57
C PHE B 140 29.76 19.05 -34.74
N TYR B 141 30.32 17.91 -35.17
CA TYR B 141 30.13 16.62 -34.53
C TYR B 141 31.37 15.78 -34.77
N PRO B 142 31.82 14.96 -33.78
CA PRO B 142 31.29 14.73 -32.43
C PRO B 142 31.55 15.88 -31.46
N LYS B 143 31.16 15.70 -30.19
CA LYS B 143 31.15 16.81 -29.24
C LYS B 143 32.56 17.29 -28.92
N ASP B 144 33.48 16.38 -28.63
CA ASP B 144 34.81 16.78 -28.19
C ASP B 144 35.48 17.69 -29.22
N ILE B 145 36.00 18.81 -28.75
CA ILE B 145 36.77 19.73 -29.57
C ILE B 145 37.73 20.46 -28.63
N ASN B 146 38.85 20.91 -29.17
CA ASN B 146 39.95 21.44 -28.36
C ASN B 146 40.42 22.75 -28.97
N VAL B 147 40.14 23.85 -28.28
CA VAL B 147 40.57 25.18 -28.71
C VAL B 147 41.96 25.45 -28.19
N LYS B 148 42.63 26.41 -28.82
CA LYS B 148 43.96 26.85 -28.41
C LYS B 148 44.11 28.31 -28.83
N TRP B 149 44.59 29.15 -27.92
CA TRP B 149 44.76 30.57 -28.17
C TRP B 149 46.25 30.89 -28.33
N LYS B 150 46.54 31.84 -29.22
CA LYS B 150 47.89 32.34 -29.42
C LYS B 150 47.83 33.85 -29.51
N ILE B 151 48.33 34.52 -28.47
CA ILE B 151 48.56 35.96 -28.55
C ILE B 151 49.93 36.16 -29.20
N ASP B 152 49.94 36.89 -30.32
CA ASP B 152 51.11 36.97 -31.21
C ASP B 152 51.49 35.54 -31.57
N GLY B 153 52.70 35.08 -31.28
CA GLY B 153 53.06 33.72 -31.63
C GLY B 153 52.89 32.73 -30.50
N SER B 154 52.95 33.21 -29.26
CA SER B 154 52.98 32.33 -28.11
C SER B 154 51.58 31.88 -27.71
N GLU B 155 51.43 30.58 -27.49
CA GLU B 155 50.18 30.04 -26.97
C GLU B 155 49.94 30.54 -25.55
N ARG B 156 48.72 31.01 -25.28
CA ARG B 156 48.33 31.47 -23.96
C ARG B 156 47.28 30.51 -23.41
N GLN B 157 47.55 29.92 -22.24
CA GLN B 157 46.74 28.82 -21.73
C GLN B 157 45.74 29.22 -20.67
N ASN B 158 46.07 30.18 -19.80
CA ASN B 158 45.17 30.57 -18.72
C ASN B 158 44.38 31.81 -19.11
N GLY B 159 43.20 31.96 -18.48
CA GLY B 159 42.35 33.10 -18.67
C GLY B 159 41.11 32.86 -19.53
N VAL B 160 40.75 31.61 -19.79
CA VAL B 160 39.79 31.27 -20.84
C VAL B 160 38.49 30.78 -20.20
N LEU B 161 37.38 31.02 -20.88
CA LEU B 161 36.09 30.50 -20.47
C LEU B 161 35.44 29.80 -21.66
N ASN B 162 35.35 28.49 -21.60
CA ASN B 162 34.70 27.70 -22.63
C ASN B 162 33.30 27.30 -22.18
N SER B 163 32.40 27.21 -23.15
CA SER B 163 31.01 26.82 -22.88
C SER B 163 30.47 26.08 -24.09
N TRP B 164 30.16 24.80 -23.93
CA TRP B 164 29.56 24.02 -25.00
C TRP B 164 28.04 24.10 -24.87
N THR B 165 27.36 23.90 -26.01
CA THR B 165 25.91 23.82 -26.00
C THR B 165 25.42 22.38 -25.99
N ASP B 166 24.15 22.23 -25.60
CA ASP B 166 23.48 20.96 -25.71
C ASP B 166 23.30 20.61 -27.18
N GLN B 167 23.09 19.32 -27.45
CA GLN B 167 23.00 18.86 -28.83
C GLN B 167 21.79 19.48 -29.52
N ASP B 168 22.04 20.13 -30.65
CA ASP B 168 20.99 20.81 -31.38
C ASP B 168 19.89 19.84 -31.78
N SER B 169 18.66 20.35 -31.82
CA SER B 169 17.49 19.51 -31.99
C SER B 169 17.09 19.29 -33.45
N LYS B 170 17.69 20.00 -34.40
CA LYS B 170 17.38 19.80 -35.81
C LYS B 170 18.49 19.07 -36.57
N ASP B 171 19.74 19.48 -36.39
CA ASP B 171 20.86 18.80 -37.04
C ASP B 171 21.66 17.92 -36.11
N SER B 172 21.27 17.82 -34.83
CA SER B 172 21.93 16.96 -33.85
C SER B 172 23.41 17.30 -33.71
N THR B 173 23.75 18.58 -33.86
CA THR B 173 25.14 19.02 -33.86
C THR B 173 25.49 19.71 -32.56
N TYR B 174 26.71 20.24 -32.50
CA TYR B 174 27.21 20.91 -31.30
C TYR B 174 27.83 22.26 -31.67
N SER B 175 27.82 23.17 -30.71
CA SER B 175 28.49 24.46 -30.83
C SER B 175 29.16 24.82 -29.51
N MET B 176 30.25 25.59 -29.58
CA MET B 176 31.01 25.91 -28.38
C MET B 176 31.62 27.31 -28.49
N SER B 177 31.74 27.97 -27.34
CA SER B 177 32.24 29.33 -27.27
C SER B 177 33.41 29.41 -26.29
N SER B 178 34.56 29.88 -26.78
CA SER B 178 35.74 30.15 -25.97
C SER B 178 36.00 31.65 -25.90
N THR B 179 36.30 32.14 -24.69
CA THR B 179 36.48 33.56 -24.43
C THR B 179 37.76 33.81 -23.65
N LEU B 180 38.83 34.19 -24.35
CA LEU B 180 40.06 34.63 -23.72
C LEU B 180 39.92 36.09 -23.30
N THR B 181 40.01 36.36 -22.00
CA THR B 181 39.86 37.71 -21.48
C THR B 181 41.22 38.25 -21.01
N LEU B 182 41.36 39.57 -21.09
CA LEU B 182 42.63 40.23 -20.82
C LEU B 182 42.37 41.61 -20.26
N THR B 183 43.38 42.15 -19.59
CA THR B 183 43.38 43.57 -19.28
C THR B 183 43.61 44.37 -20.55
N LYS B 184 43.12 45.61 -20.55
CA LYS B 184 43.36 46.52 -21.66
C LYS B 184 44.85 46.67 -21.94
N ASP B 185 45.66 46.72 -20.88
CA ASP B 185 47.10 46.92 -21.05
C ASP B 185 47.76 45.73 -21.74
N GLU B 186 47.41 44.51 -21.32
CA GLU B 186 48.01 43.33 -21.92
C GLU B 186 47.50 43.08 -23.33
N TYR B 187 46.32 43.60 -23.67
CA TYR B 187 45.78 43.47 -25.02
C TYR B 187 46.31 44.54 -25.95
N GLU B 188 46.44 45.76 -25.46
CA GLU B 188 47.03 46.83 -26.26
C GLU B 188 48.56 46.73 -26.33
N ARG B 189 49.14 45.65 -25.82
CA ARG B 189 50.57 45.39 -25.91
C ARG B 189 50.89 44.16 -26.76
N HIS B 190 49.96 43.79 -27.65
CA HIS B 190 50.17 42.74 -28.65
C HIS B 190 49.31 43.07 -29.85
N ASN B 191 49.52 42.34 -30.95
CA ASN B 191 48.65 42.62 -32.08
C ASN B 191 48.03 41.38 -32.70
N SER B 192 48.76 40.28 -32.79
CA SER B 192 48.21 39.07 -33.37
C SER B 192 47.45 38.27 -32.31
N TYR B 193 46.19 37.97 -32.59
CA TYR B 193 45.40 37.07 -31.75
C TYR B 193 44.87 35.95 -32.62
N THR B 194 45.21 34.72 -32.26
CA THR B 194 44.87 33.54 -33.03
C THR B 194 43.99 32.61 -32.20
N CYS B 195 42.99 32.02 -32.84
CA CYS B 195 42.13 31.00 -32.25
C CYS B 195 42.09 29.82 -33.21
N GLU B 196 42.82 28.75 -32.89
CA GLU B 196 42.84 27.56 -33.72
C GLU B 196 42.17 26.41 -32.99
N ALA B 197 41.21 25.78 -33.66
CA ALA B 197 40.35 24.76 -33.08
C ALA B 197 40.70 23.41 -33.71
N THR B 198 41.22 22.50 -32.88
CA THR B 198 41.55 21.16 -33.31
C THR B 198 40.32 20.27 -33.21
N HIS B 199 40.05 19.48 -34.25
CA HIS B 199 38.89 18.61 -34.25
C HIS B 199 39.23 17.33 -35.02
N LYS B 200 38.43 16.29 -34.77
CA LYS B 200 38.67 14.98 -35.37
C LYS B 200 38.48 14.99 -36.88
N THR B 201 37.87 16.04 -37.43
CA THR B 201 37.64 16.10 -38.87
C THR B 201 38.88 16.49 -39.66
N SER B 202 39.90 17.05 -39.01
CA SER B 202 41.13 17.37 -39.72
C SER B 202 42.30 17.36 -38.74
N THR B 203 43.35 16.60 -39.09
CA THR B 203 44.59 16.62 -38.32
C THR B 203 45.16 18.03 -38.22
N SER B 204 45.03 18.81 -39.29
CA SER B 204 45.45 20.20 -39.28
C SER B 204 44.30 21.07 -38.77
N PRO B 205 44.51 21.86 -37.72
CA PRO B 205 43.37 22.53 -37.07
C PRO B 205 42.91 23.77 -37.81
N ILE B 206 41.59 23.98 -37.81
CA ILE B 206 41.04 25.20 -38.39
C ILE B 206 41.50 26.39 -37.58
N VAL B 207 42.02 27.40 -38.27
CA VAL B 207 42.60 28.57 -37.62
C VAL B 207 41.80 29.81 -38.00
N LYS B 208 41.69 30.73 -37.04
CA LYS B 208 41.14 32.05 -37.25
C LYS B 208 42.00 33.04 -36.46
N SER B 209 42.23 34.22 -37.01
CA SER B 209 43.12 35.17 -36.36
C SER B 209 42.96 36.54 -37.01
N PHE B 210 43.56 37.53 -36.36
CA PHE B 210 43.41 38.94 -36.75
C PHE B 210 44.51 39.74 -36.07
N ASN B 211 44.74 40.94 -36.60
CA ASN B 211 45.70 41.87 -36.03
C ASN B 211 44.99 43.10 -35.51
N ARG B 212 45.54 43.67 -34.44
CA ARG B 212 44.84 44.70 -33.68
C ARG B 212 44.77 46.03 -34.42
N ASN B 213 45.51 46.16 -35.53
CA ASN B 213 45.55 47.45 -36.26
C ASN B 213 44.55 47.50 -37.43
N GLU B 214 44.56 46.51 -38.33
CA GLU B 214 43.67 46.51 -39.52
C GLU B 214 42.22 46.69 -39.07
N GLU C 1 -5.28 20.25 -17.43
CA GLU C 1 -5.45 19.07 -16.59
C GLU C 1 -4.80 19.28 -15.23
N VAL C 2 -4.24 18.20 -14.68
CA VAL C 2 -3.39 18.32 -13.51
C VAL C 2 -2.19 19.19 -13.83
N GLN C 3 -1.90 20.15 -12.98
CA GLN C 3 -0.71 20.96 -13.17
C GLN C 3 -0.26 21.57 -11.86
N LEU C 4 1.05 21.61 -11.66
CA LEU C 4 1.68 22.12 -10.47
C LEU C 4 2.54 23.32 -10.84
N VAL C 5 2.65 24.27 -9.92
CA VAL C 5 3.43 25.49 -10.15
C VAL C 5 4.24 25.78 -8.89
N GLU C 6 5.56 25.70 -8.99
CA GLU C 6 6.44 26.08 -7.89
C GLU C 6 6.73 27.58 -7.94
N SER C 7 6.88 28.18 -6.76
CA SER C 7 7.02 29.62 -6.68
C SER C 7 7.79 29.99 -5.42
N GLY C 8 8.36 31.19 -5.44
CA GLY C 8 9.28 31.58 -4.40
C GLY C 8 10.65 30.96 -4.61
N GLY C 9 11.65 31.61 -4.03
CA GLY C 9 13.00 31.13 -4.24
C GLY C 9 13.80 32.01 -5.18
N GLY C 10 15.10 32.09 -4.90
CA GLY C 10 16.00 33.00 -5.59
C GLY C 10 17.33 32.96 -4.90
N LEU C 11 17.92 34.14 -4.74
CA LEU C 11 19.19 34.22 -4.03
C LEU C 11 18.95 34.28 -2.53
N VAL C 12 19.82 33.60 -1.78
CA VAL C 12 19.76 33.58 -0.32
C VAL C 12 21.18 33.54 0.22
N LYS C 13 21.45 34.32 1.25
CA LYS C 13 22.75 34.25 1.87
C LYS C 13 22.85 33.02 2.76
N PRO C 14 24.04 32.42 2.87
CA PRO C 14 24.18 31.17 3.65
C PRO C 14 23.79 31.36 5.10
N GLY C 15 23.11 30.35 5.66
CA GLY C 15 22.48 30.46 6.94
C GLY C 15 21.09 31.08 6.92
N GLY C 16 20.71 31.71 5.81
CA GLY C 16 19.41 32.35 5.70
C GLY C 16 18.23 31.39 5.75
N SER C 17 17.04 31.88 5.43
CA SER C 17 15.83 31.07 5.55
C SER C 17 14.82 31.51 4.49
N LEU C 18 14.49 30.60 3.57
CA LEU C 18 13.50 30.87 2.53
C LEU C 18 12.40 29.82 2.55
N LYS C 19 11.21 30.24 2.12
CA LYS C 19 10.06 29.35 2.04
C LYS C 19 9.55 29.31 0.61
N LEU C 20 9.38 28.10 0.09
CA LEU C 20 8.83 27.88 -1.24
C LEU C 20 7.36 27.46 -1.16
N SER C 21 6.68 27.55 -2.30
CA SER C 21 5.27 27.25 -2.41
C SER C 21 5.01 26.57 -3.75
N CYS C 22 4.15 25.54 -3.71
CA CYS C 22 3.70 24.84 -4.91
C CYS C 22 2.18 24.87 -4.95
N ALA C 23 1.63 25.50 -5.98
CA ALA C 23 0.20 25.71 -6.11
C ALA C 23 -0.38 24.61 -7.00
N ALA C 24 -1.12 23.69 -6.40
CA ALA C 24 -1.73 22.62 -7.16
C ALA C 24 -3.06 23.06 -7.77
N SER C 25 -3.38 22.47 -8.90
CA SER C 25 -4.66 22.72 -9.56
C SER C 25 -4.92 21.56 -10.52
N GLY C 26 -6.20 21.28 -10.74
CA GLY C 26 -6.58 20.27 -11.71
C GLY C 26 -6.80 18.88 -11.17
N PHE C 27 -6.93 18.72 -9.85
CA PHE C 27 -7.17 17.42 -9.23
C PHE C 27 -7.41 17.66 -7.75
N THR C 28 -7.93 16.64 -7.08
CA THR C 28 -8.15 16.74 -5.64
C THR C 28 -6.81 16.70 -4.91
N PHE C 29 -6.23 17.88 -4.66
CA PHE C 29 -4.96 17.98 -3.95
C PHE C 29 -5.02 17.32 -2.58
N SER C 30 -6.20 17.27 -1.97
CA SER C 30 -6.32 16.64 -0.65
C SER C 30 -6.07 15.14 -0.72
N SER C 31 -6.34 14.51 -1.85
CA SER C 31 -6.26 13.06 -1.97
C SER C 31 -4.86 12.55 -2.26
N TYR C 32 -3.92 13.41 -2.63
CA TYR C 32 -2.62 12.98 -3.13
C TYR C 32 -1.50 13.46 -2.22
N ALA C 33 -0.49 12.61 -2.02
CA ALA C 33 0.64 12.90 -1.14
C ALA C 33 1.47 13.65 -2.18
N MET C 34 2.09 14.76 -1.76
CA MET C 34 3.14 15.36 -2.56
C MET C 34 4.53 15.12 -1.95
N SER C 35 5.54 15.42 -2.75
CA SER C 35 6.93 15.32 -2.32
C SER C 35 7.75 16.38 -3.04
N TRP C 36 8.82 16.81 -2.39
CA TRP C 36 9.73 17.79 -2.97
C TRP C 36 10.99 17.08 -3.45
N VAL C 37 11.26 17.17 -4.75
CA VAL C 37 12.50 16.65 -5.33
C VAL C 37 13.29 17.83 -5.89
N ARG C 38 14.58 17.88 -5.57
CA ARG C 38 15.46 18.94 -6.05
C ARG C 38 16.49 18.38 -7.02
N GLN C 39 16.97 19.25 -7.88
CA GLN C 39 17.98 18.91 -8.88
C GLN C 39 19.09 19.93 -8.80
N SER C 40 20.31 19.46 -8.51
CA SER C 40 21.47 20.33 -8.40
C SER C 40 21.85 20.87 -9.78
N PRO C 41 22.71 21.90 -9.83
CA PRO C 41 23.23 22.35 -11.13
C PRO C 41 24.15 21.36 -11.81
N GLU C 42 24.43 20.22 -11.16
CA GLU C 42 25.10 19.11 -11.79
C GLU C 42 24.11 18.02 -12.22
N LYS C 43 22.83 18.37 -12.32
CA LYS C 43 21.80 17.58 -13.01
C LYS C 43 21.51 16.25 -12.33
N ARG C 44 21.89 16.09 -11.06
CA ARG C 44 21.56 14.88 -10.29
C ARG C 44 20.30 15.12 -9.47
N LEU C 45 19.30 14.26 -9.66
CA LEU C 45 18.05 14.37 -8.93
C LEU C 45 18.21 13.84 -7.50
N GLU C 46 17.56 14.52 -6.56
CA GLU C 46 17.60 14.11 -5.15
C GLU C 46 16.27 14.44 -4.48
N TRP C 47 15.69 13.44 -3.82
CA TRP C 47 14.46 13.62 -3.06
C TRP C 47 14.73 14.39 -1.77
N VAL C 48 13.78 15.21 -1.36
CA VAL C 48 13.97 16.06 -0.18
C VAL C 48 12.99 15.71 0.93
N ALA C 49 11.69 15.81 0.66
CA ALA C 49 10.69 15.60 1.68
C ALA C 49 9.44 15.01 1.04
N GLU C 50 8.72 14.19 1.79
CA GLU C 50 7.42 13.70 1.38
C GLU C 50 6.40 14.00 2.46
N ILE C 51 5.18 14.35 2.05
CA ILE C 51 4.09 14.61 2.98
C ILE C 51 2.86 13.83 2.52
N SER C 52 2.25 13.10 3.45
CA SER C 52 1.03 12.37 3.15
C SER C 52 -0.10 13.34 2.80
N SER C 53 -1.21 12.77 2.32
CA SER C 53 -2.33 13.58 1.86
C SER C 53 -2.91 14.42 2.99
N GLY C 54 -3.34 13.76 4.07
CA GLY C 54 -3.74 14.48 5.26
C GLY C 54 -2.60 15.19 5.96
N GLY C 55 -1.36 14.89 5.59
CA GLY C 55 -0.20 15.58 6.12
C GLY C 55 0.37 15.03 7.42
N ARG C 56 -0.09 13.87 7.86
CA ARG C 56 0.30 13.32 9.15
C ARG C 56 1.47 12.35 9.05
N TYR C 57 1.93 12.04 7.85
CA TYR C 57 3.10 11.21 7.61
C TYR C 57 4.08 12.00 6.76
N ILE C 58 5.22 12.36 7.35
CA ILE C 58 6.17 13.27 6.72
C ILE C 58 7.56 12.65 6.84
N TYR C 59 8.14 12.28 5.70
CA TYR C 59 9.45 11.66 5.63
C TYR C 59 10.45 12.65 5.05
N TYR C 60 11.60 12.78 5.70
CA TYR C 60 12.65 13.69 5.24
C TYR C 60 13.85 12.90 4.73
N SER C 61 14.53 13.50 3.74
CA SER C 61 15.88 13.06 3.43
C SER C 61 16.77 13.34 4.63
N ASP C 62 17.74 12.45 4.84
CA ASP C 62 18.67 12.61 5.95
C ASP C 62 19.51 13.86 5.82
N THR C 63 19.61 14.44 4.61
CA THR C 63 20.41 15.64 4.41
C THR C 63 19.73 16.88 4.97
N VAL C 64 18.45 17.06 4.63
CA VAL C 64 17.72 18.29 4.92
C VAL C 64 16.99 18.23 6.25
N THR C 65 17.12 17.13 7.00
CA THR C 65 16.29 16.89 8.17
C THR C 65 16.65 17.85 9.30
N GLY C 66 15.63 18.35 9.98
CA GLY C 66 15.86 19.31 11.05
C GLY C 66 15.99 20.74 10.58
N ARG C 67 16.30 20.91 9.29
CA ARG C 67 16.42 22.23 8.68
C ARG C 67 15.22 22.61 7.82
N PHE C 68 14.66 21.66 7.09
CA PHE C 68 13.50 21.94 6.25
C PHE C 68 12.21 21.52 6.95
N THR C 69 11.10 22.10 6.50
CA THR C 69 9.79 21.73 7.00
C THR C 69 8.80 21.82 5.84
N ILE C 70 8.16 20.68 5.54
CA ILE C 70 7.23 20.57 4.42
C ILE C 70 5.82 20.56 5.02
N SER C 71 5.14 21.69 4.93
CA SER C 71 3.77 21.76 5.39
C SER C 71 2.84 21.69 4.18
N ARG C 72 1.53 21.80 4.43
CA ARG C 72 0.56 21.46 3.41
C ARG C 72 -0.80 22.06 3.72
N ASP C 73 -1.34 22.82 2.78
CA ASP C 73 -2.56 23.60 2.97
C ASP C 73 -3.62 23.01 2.04
N ASN C 74 -4.37 22.01 2.53
CA ASN C 74 -5.40 21.40 1.71
C ASN C 74 -6.60 22.30 1.50
N ALA C 75 -6.73 23.39 2.26
CA ALA C 75 -7.74 24.38 1.97
C ALA C 75 -7.44 25.05 0.63
N ARG C 76 -6.34 25.80 0.57
CA ARG C 76 -5.99 26.58 -0.60
C ARG C 76 -5.22 25.80 -1.65
N ASN C 77 -5.01 24.49 -1.44
CA ASN C 77 -4.30 23.62 -2.40
C ASN C 77 -2.86 24.10 -2.65
N ILE C 78 -2.14 24.37 -1.57
CA ILE C 78 -0.77 24.86 -1.66
C ILE C 78 0.13 23.93 -0.87
N LEU C 79 1.21 23.48 -1.50
CA LEU C 79 2.25 22.71 -0.83
C LEU C 79 3.43 23.61 -0.53
N HIS C 80 3.96 23.50 0.68
CA HIS C 80 4.95 24.42 1.20
C HIS C 80 6.26 23.70 1.50
N LEU C 81 7.30 24.49 1.72
CA LEU C 81 8.60 23.97 2.12
C LEU C 81 9.38 25.11 2.76
N GLU C 82 9.65 24.98 4.05
CA GLU C 82 10.25 26.03 4.85
C GLU C 82 11.70 25.65 5.14
N MET C 83 12.62 26.51 4.69
CA MET C 83 14.04 26.22 4.76
C MET C 83 14.70 27.17 5.75
N SER C 84 15.62 26.64 6.53
CA SER C 84 16.35 27.41 7.51
C SER C 84 17.75 26.84 7.64
N SER C 85 18.68 27.67 8.11
CA SER C 85 20.09 27.32 8.15
C SER C 85 20.55 26.85 6.77
N LEU C 86 20.30 27.70 5.77
CA LEU C 86 20.56 27.32 4.38
C LEU C 86 22.06 27.25 4.11
N ARG C 87 22.49 26.11 3.59
CA ARG C 87 23.87 25.88 3.18
C ARG C 87 23.98 26.06 1.67
N SER C 88 25.22 26.10 1.19
CA SER C 88 25.42 26.35 -0.24
C SER C 88 25.09 25.11 -1.07
N GLU C 89 25.38 23.91 -0.54
CA GLU C 89 25.02 22.70 -1.27
C GLU C 89 23.52 22.50 -1.38
N ASP C 90 22.72 23.33 -0.70
CA ASP C 90 21.28 23.35 -0.92
C ASP C 90 20.91 24.00 -2.26
N THR C 91 21.87 24.55 -2.99
CA THR C 91 21.57 25.19 -4.27
C THR C 91 21.06 24.17 -5.27
N ALA C 92 19.88 24.44 -5.82
CA ALA C 92 19.22 23.55 -6.76
C ALA C 92 17.99 24.20 -7.36
N MET C 93 17.35 23.49 -8.28
CA MET C 93 15.99 23.81 -8.69
C MET C 93 15.07 22.84 -7.97
N TYR C 94 14.02 23.35 -7.34
CA TYR C 94 13.16 22.53 -6.52
C TYR C 94 11.87 22.18 -7.25
N TYR C 95 11.56 20.89 -7.28
CA TYR C 95 10.39 20.37 -7.98
C TYR C 95 9.33 19.91 -6.99
N CYS C 96 8.09 20.12 -7.39
CA CYS C 96 6.91 19.72 -6.64
C CYS C 96 6.29 18.56 -7.43
N ALA C 97 6.49 17.34 -6.95
CA ALA C 97 6.10 16.15 -7.66
C ALA C 97 4.93 15.49 -6.93
N ARG C 98 3.89 15.13 -7.69
CA ARG C 98 2.72 14.46 -7.14
C ARG C 98 2.94 12.96 -7.20
N GLY C 99 2.98 12.33 -6.04
CA GLY C 99 3.05 10.87 -5.98
C GLY C 99 2.11 10.54 -4.83
N GLU C 100 1.11 9.70 -5.07
CA GLU C 100 0.39 9.00 -4.01
C GLU C 100 0.73 7.51 -3.96
N VAL C 101 0.64 6.82 -5.10
CA VAL C 101 0.91 5.39 -5.16
C VAL C 101 2.40 5.19 -5.37
N ARG C 102 3.08 4.65 -4.35
CA ARG C 102 4.49 4.33 -4.46
C ARG C 102 4.76 3.44 -5.66
N GLN C 103 3.88 2.46 -5.91
CA GLN C 103 3.99 1.55 -7.04
C GLN C 103 3.69 2.22 -8.38
N ARG C 104 3.37 3.52 -8.37
CA ARG C 104 3.15 4.27 -9.60
C ARG C 104 4.11 5.44 -9.76
N GLY C 105 4.71 5.93 -8.69
CA GLY C 105 5.68 6.99 -8.80
C GLY C 105 5.05 8.36 -8.89
N PHE C 106 5.87 9.33 -9.29
CA PHE C 106 5.46 10.72 -9.34
C PHE C 106 4.70 10.98 -10.64
N ASP C 107 3.36 11.01 -10.54
CA ASP C 107 2.49 11.29 -11.66
C ASP C 107 2.90 12.51 -12.47
N TYR C 108 2.93 13.67 -11.80
CA TYR C 108 3.12 14.95 -12.48
C TYR C 108 4.15 15.77 -11.73
N TRP C 109 4.83 16.64 -12.48
CA TRP C 109 5.91 17.48 -11.96
C TRP C 109 5.70 18.93 -12.38
N GLY C 110 6.00 19.84 -11.47
CA GLY C 110 5.90 21.25 -11.79
C GLY C 110 7.12 21.77 -12.53
N GLN C 111 6.95 22.97 -13.06
CA GLN C 111 8.02 23.74 -13.71
C GLN C 111 9.31 23.75 -12.90
N GLY C 112 9.20 23.96 -11.61
CA GLY C 112 10.35 24.05 -10.72
C GLY C 112 10.73 25.48 -10.43
N THR C 113 11.34 25.69 -9.26
CA THR C 113 11.81 27.00 -8.84
C THR C 113 13.24 26.89 -8.36
N THR C 114 14.00 27.96 -8.58
CA THR C 114 15.46 27.92 -8.54
C THR C 114 15.97 28.59 -7.27
N LEU C 115 16.69 27.83 -6.45
CA LEU C 115 17.33 28.34 -5.24
C LEU C 115 18.82 28.45 -5.49
N THR C 116 19.36 29.65 -5.31
CA THR C 116 20.80 29.89 -5.33
C THR C 116 21.22 30.38 -3.95
N VAL C 117 22.09 29.62 -3.28
CA VAL C 117 22.61 29.99 -1.98
C VAL C 117 24.08 30.35 -2.19
N SER C 118 24.41 31.61 -1.96
CA SER C 118 25.76 32.09 -2.20
C SER C 118 25.98 33.37 -1.41
N SER C 119 27.12 33.46 -0.74
CA SER C 119 27.48 34.70 -0.07
C SER C 119 27.76 35.81 -1.08
N ALA C 120 28.09 35.43 -2.33
CA ALA C 120 28.36 36.37 -3.41
C ALA C 120 27.22 37.36 -3.60
N LYS C 121 27.51 38.49 -4.23
CA LYS C 121 26.59 39.63 -4.30
C LYS C 121 26.11 39.87 -5.73
N THR C 122 24.87 40.37 -5.83
CA THR C 122 24.22 40.64 -7.11
C THR C 122 24.96 41.71 -7.89
N THR C 123 25.35 41.39 -9.12
CA THR C 123 25.91 42.35 -10.06
C THR C 123 25.23 42.17 -11.41
N ALA C 124 25.22 43.23 -12.18
CA ALA C 124 24.56 43.27 -13.48
C ALA C 124 25.55 43.05 -14.60
N PRO C 125 25.11 42.53 -15.73
CA PRO C 125 26.03 42.30 -16.85
C PRO C 125 26.40 43.61 -17.54
N SER C 126 27.46 43.55 -18.34
CA SER C 126 27.75 44.57 -19.34
C SER C 126 27.77 43.86 -20.69
N VAL C 127 26.81 44.19 -21.53
CA VAL C 127 26.63 43.51 -22.81
C VAL C 127 27.57 44.16 -23.83
N TYR C 128 28.51 43.38 -24.32
CA TYR C 128 29.33 43.85 -25.43
C TYR C 128 28.86 43.21 -26.72
N PRO C 129 28.61 43.99 -27.76
CA PRO C 129 28.36 43.41 -29.08
C PRO C 129 29.65 42.94 -29.73
N LEU C 130 29.54 41.89 -30.53
CA LEU C 130 30.69 41.29 -31.19
C LEU C 130 30.53 41.49 -32.69
N ALA C 131 31.09 42.59 -33.20
CA ALA C 131 31.18 42.79 -34.64
C ALA C 131 32.42 42.08 -35.18
N PRO C 132 32.34 41.49 -36.37
CA PRO C 132 33.45 40.67 -36.85
C PRO C 132 34.67 41.52 -37.22
N VAL C 133 35.78 40.82 -37.44
CA VAL C 133 37.02 41.49 -37.81
C VAL C 133 36.80 42.23 -39.13
N CYS C 134 37.37 43.42 -39.27
CA CYS C 134 37.09 44.26 -40.47
C CYS C 134 37.67 43.67 -41.75
N GLY C 135 38.76 42.92 -41.65
CA GLY C 135 39.41 42.35 -42.85
C GLY C 135 38.68 41.15 -43.42
N ASP C 136 39.17 40.61 -44.52
CA ASP C 136 38.54 39.37 -45.04
C ASP C 136 37.10 39.87 -45.19
N THR C 137 36.17 39.09 -44.65
CA THR C 137 34.71 39.21 -44.87
C THR C 137 34.50 38.54 -46.22
N THR C 138 35.48 37.73 -46.61
CA THR C 138 35.36 37.02 -47.90
C THR C 138 34.69 35.66 -47.71
N GLY C 139 33.40 35.72 -47.37
CA GLY C 139 32.63 34.52 -47.13
C GLY C 139 31.15 34.69 -47.42
N SER C 140 30.46 33.58 -47.26
CA SER C 140 29.14 33.53 -47.86
C SER C 140 28.03 33.90 -46.88
N SER C 141 28.13 33.40 -45.65
CA SER C 141 27.28 33.83 -44.55
C SER C 141 28.14 34.36 -43.41
N VAL C 142 27.66 35.37 -42.70
CA VAL C 142 28.45 36.06 -41.71
C VAL C 142 27.92 35.71 -40.32
N THR C 143 28.83 35.58 -39.36
CA THR C 143 28.51 35.27 -37.99
C THR C 143 28.76 36.49 -37.12
N LEU C 144 27.76 36.87 -36.35
CA LEU C 144 27.90 37.90 -35.34
C LEU C 144 27.95 37.26 -33.96
N GLY C 145 28.05 38.09 -32.93
CA GLY C 145 28.11 37.58 -31.57
C GLY C 145 27.70 38.65 -30.59
N CYS C 146 27.42 38.20 -29.37
CA CYS C 146 27.06 39.10 -28.29
C CYS C 146 27.65 38.51 -27.02
N LEU C 147 28.19 39.38 -26.16
CA LEU C 147 28.93 38.94 -24.98
C LEU C 147 28.26 39.53 -23.74
N VAL C 148 27.66 38.67 -22.94
CA VAL C 148 27.02 39.09 -21.68
C VAL C 148 27.93 38.63 -20.55
N LYS C 149 28.85 39.49 -20.12
CA LYS C 149 29.92 39.10 -19.23
C LYS C 149 29.78 39.70 -17.84
N GLY C 150 30.12 38.90 -16.83
CA GLY C 150 30.33 39.41 -15.48
C GLY C 150 29.07 39.75 -14.72
N TYR C 151 28.06 38.87 -14.78
CA TYR C 151 26.81 39.06 -14.09
C TYR C 151 26.61 37.98 -13.04
N PHE C 152 25.54 38.15 -12.23
CA PHE C 152 25.19 37.25 -11.13
C PHE C 152 23.95 37.74 -10.41
N PRO C 153 23.04 36.84 -9.99
CA PRO C 153 23.08 35.42 -10.29
C PRO C 153 22.33 35.10 -11.58
N GLU C 154 22.18 33.82 -11.91
CA GLU C 154 21.40 33.44 -13.07
C GLU C 154 19.92 33.71 -12.77
N PRO C 155 19.09 33.94 -13.82
CA PRO C 155 19.34 33.84 -15.24
C PRO C 155 19.56 35.16 -15.98
N VAL C 156 19.78 35.03 -17.28
CA VAL C 156 19.84 36.15 -18.22
C VAL C 156 19.02 35.74 -19.44
N THR C 157 18.36 36.72 -20.05
CA THR C 157 17.50 36.49 -21.21
C THR C 157 18.11 37.17 -22.42
N LEU C 158 18.64 36.38 -23.35
CA LEU C 158 19.21 36.91 -24.58
C LEU C 158 18.34 36.49 -25.74
N THR C 159 17.72 37.47 -26.38
CA THR C 159 17.05 37.30 -27.66
C THR C 159 17.76 38.18 -28.70
N TRP C 160 17.63 37.80 -29.96
CA TRP C 160 18.15 38.60 -31.07
C TRP C 160 17.01 39.30 -31.77
N ASN C 161 17.11 40.62 -31.89
CA ASN C 161 16.10 41.45 -32.54
C ASN C 161 14.73 41.24 -31.88
N SER C 162 14.69 41.45 -30.57
CA SER C 162 13.47 41.43 -29.78
C SER C 162 12.75 40.08 -29.84
N GLY C 163 13.49 39.02 -30.17
CA GLY C 163 12.89 37.71 -30.34
C GLY C 163 12.15 37.58 -31.64
N SER C 164 12.85 37.77 -32.76
CA SER C 164 12.21 37.76 -34.08
C SER C 164 12.97 36.87 -35.06
N LEU C 165 14.28 36.71 -34.86
CA LEU C 165 15.06 35.76 -35.65
C LEU C 165 15.60 34.69 -34.71
N SER C 166 15.37 33.43 -35.05
CA SER C 166 15.83 32.31 -34.25
C SER C 166 16.74 31.36 -35.01
N SER C 167 16.48 31.14 -36.29
CA SER C 167 17.38 30.34 -37.11
C SER C 167 18.73 31.01 -37.22
N GLY C 168 19.76 30.31 -36.80
CA GLY C 168 21.10 30.86 -36.76
C GLY C 168 21.55 31.38 -35.42
N VAL C 169 20.79 31.15 -34.36
CA VAL C 169 21.11 31.62 -33.02
C VAL C 169 21.68 30.47 -32.20
N HIS C 170 22.78 30.72 -31.49
CA HIS C 170 23.43 29.72 -30.63
C HIS C 170 23.79 30.44 -29.32
N THR C 171 22.90 30.37 -28.34
CA THR C 171 23.07 31.09 -27.07
C THR C 171 23.68 30.12 -26.06
N PHE C 172 24.96 30.32 -25.78
CA PHE C 172 25.71 29.34 -24.99
C PHE C 172 25.34 29.45 -23.52
N PRO C 173 25.27 28.33 -22.81
CA PRO C 173 24.97 28.38 -21.38
C PRO C 173 26.00 29.18 -20.62
N ALA C 174 25.57 29.70 -19.47
CA ALA C 174 26.43 30.51 -18.64
C ALA C 174 27.42 29.64 -17.88
N VAL C 175 28.58 30.21 -17.56
CA VAL C 175 29.63 29.52 -16.82
C VAL C 175 30.10 30.45 -15.71
N LEU C 176 29.97 30.02 -14.46
CA LEU C 176 30.42 30.81 -13.33
C LEU C 176 31.93 30.66 -13.17
N GLN C 177 32.59 31.78 -12.89
CA GLN C 177 34.04 31.81 -12.70
C GLN C 177 34.34 32.93 -11.72
N SER C 178 34.72 32.57 -10.50
CA SER C 178 35.01 33.52 -9.42
C SER C 178 33.80 34.40 -9.12
N ASP C 179 32.69 33.73 -8.80
CA ASP C 179 31.45 34.37 -8.35
C ASP C 179 30.84 35.28 -9.43
N LEU C 180 31.04 34.94 -10.71
CA LEU C 180 30.49 35.77 -11.78
C LEU C 180 30.24 34.92 -13.02
N TYR C 181 29.11 35.17 -13.66
CA TYR C 181 28.70 34.44 -14.85
C TYR C 181 29.10 35.19 -16.12
N THR C 182 29.43 34.42 -17.16
CA THR C 182 29.71 34.96 -18.48
C THR C 182 28.92 34.16 -19.50
N LEU C 183 28.13 34.85 -20.31
CA LEU C 183 27.35 34.23 -21.37
C LEU C 183 27.71 34.88 -22.70
N SER C 184 27.54 34.12 -23.77
CA SER C 184 27.69 34.67 -25.11
C SER C 184 26.73 33.93 -26.03
N SER C 185 26.23 34.65 -27.04
CA SER C 185 25.40 34.06 -28.07
C SER C 185 25.92 34.49 -29.42
N SER C 186 25.88 33.57 -30.37
CA SER C 186 26.37 33.81 -31.72
C SER C 186 25.19 33.70 -32.69
N VAL C 187 25.16 34.60 -33.67
CA VAL C 187 24.11 34.62 -34.67
C VAL C 187 24.75 34.67 -36.05
N THR C 188 24.32 33.77 -36.94
CA THR C 188 24.84 33.71 -38.29
C THR C 188 23.73 34.01 -39.27
N VAL C 189 23.84 35.15 -39.96
CA VAL C 189 22.84 35.60 -40.92
C VAL C 189 23.50 35.73 -42.28
N THR C 190 22.68 35.66 -43.32
CA THR C 190 23.20 35.77 -44.68
C THR C 190 23.87 37.13 -44.87
N SER C 191 24.85 37.17 -45.79
CA SER C 191 25.58 38.40 -46.03
C SER C 191 24.66 39.50 -46.56
N SER C 192 23.56 39.13 -47.21
CA SER C 192 22.63 40.13 -47.70
C SER C 192 21.77 40.71 -46.58
N THR C 193 21.69 40.03 -45.44
CA THR C 193 20.86 40.52 -44.35
C THR C 193 21.59 41.48 -43.42
N TRP C 194 22.92 41.39 -43.30
CA TRP C 194 23.65 42.25 -42.38
C TRP C 194 24.90 42.81 -43.05
N PRO C 195 25.22 44.10 -42.82
CA PRO C 195 24.51 45.09 -41.99
C PRO C 195 23.39 45.82 -42.73
N SER C 196 22.76 45.15 -43.69
CA SER C 196 21.57 45.69 -44.33
C SER C 196 20.42 45.83 -43.32
N GLN C 197 19.96 44.70 -42.77
CA GLN C 197 18.94 44.66 -41.75
C GLN C 197 19.56 44.80 -40.36
N SER C 198 18.78 45.34 -39.41
CA SER C 198 19.29 45.67 -38.08
C SER C 198 19.33 44.41 -37.21
N ILE C 199 20.52 44.10 -36.68
CA ILE C 199 20.73 43.00 -35.74
C ILE C 199 21.08 43.59 -34.38
N THR C 200 20.19 43.40 -33.40
CA THR C 200 20.40 43.88 -32.04
C THR C 200 20.42 42.71 -31.07
N CYS C 201 21.18 42.88 -29.99
CA CYS C 201 21.24 41.92 -28.89
C CYS C 201 20.34 42.41 -27.77
N ASN C 202 19.31 41.65 -27.44
CA ASN C 202 18.31 42.05 -26.45
C ASN C 202 18.53 41.22 -25.18
N VAL C 203 19.37 41.75 -24.29
CA VAL C 203 19.73 41.09 -23.04
C VAL C 203 18.82 41.62 -21.93
N ALA C 204 18.44 40.71 -21.02
CA ALA C 204 17.54 41.05 -19.92
C ALA C 204 17.98 40.28 -18.68
N HIS C 205 18.10 41.01 -17.56
CA HIS C 205 18.55 40.43 -16.30
C HIS C 205 17.71 41.02 -15.18
N PRO C 206 16.60 40.36 -14.82
CA PRO C 206 15.66 40.96 -13.86
C PRO C 206 16.22 41.14 -12.46
N ALA C 207 17.12 40.28 -12.01
CA ALA C 207 17.65 40.34 -10.66
C ALA C 207 18.38 41.65 -10.37
N SER C 208 18.68 42.45 -11.40
CA SER C 208 19.33 43.73 -11.17
C SER C 208 18.73 44.84 -12.02
N SER C 209 17.47 44.71 -12.44
CA SER C 209 16.73 45.76 -13.13
C SER C 209 17.45 46.20 -14.40
N THR C 210 17.91 45.22 -15.16
CA THR C 210 18.71 45.45 -16.36
C THR C 210 17.91 45.06 -17.60
N LYS C 211 17.74 46.02 -18.51
CA LYS C 211 17.17 45.74 -19.84
C LYS C 211 18.05 46.46 -20.85
N VAL C 212 18.96 45.72 -21.50
CA VAL C 212 19.99 46.33 -22.33
C VAL C 212 19.90 45.78 -23.76
N ASP C 213 19.84 46.70 -24.73
CA ASP C 213 19.98 46.38 -26.14
C ASP C 213 21.33 46.91 -26.63
N LYS C 214 22.10 46.05 -27.29
CA LYS C 214 23.34 46.45 -27.94
C LYS C 214 23.25 46.04 -29.41
N LYS C 215 22.92 46.99 -30.27
CA LYS C 215 22.92 46.72 -31.70
C LYS C 215 24.34 46.40 -32.16
N ILE C 216 24.44 45.60 -33.23
CA ILE C 216 25.72 45.21 -33.79
C ILE C 216 26.02 46.13 -34.95
N GLU C 217 26.98 47.04 -34.77
CA GLU C 217 27.50 47.86 -35.85
C GLU C 217 28.90 47.41 -36.21
N PRO C 218 29.29 47.45 -37.49
CA PRO C 218 30.59 46.89 -37.88
C PRO C 218 31.78 47.71 -37.38
N ARG C 219 32.98 47.24 -37.67
CA ARG C 219 34.22 47.86 -37.17
C ARG C 219 35.00 48.57 -38.28
C1 GLC D . -14.14 -42.74 29.31
C2 GLC D . -13.73 -43.17 27.90
C3 GLC D . -14.88 -43.91 27.19
C4 GLC D . -15.51 -44.95 28.11
C5 GLC D . -15.92 -44.38 29.48
C6 GLC D . -15.44 -45.24 30.66
O1 GLC D . -13.90 -41.34 29.32
O2 GLC D . -13.38 -41.94 27.25
O3 GLC D . -14.56 -44.55 25.95
O4 GLC D . -16.68 -45.34 27.43
O5 GLC D . -15.51 -43.02 29.61
O6 GLC D . -14.74 -46.39 30.23
C1 GLC D . -16.92 -46.66 27.00
C2 GLC D . -16.94 -47.71 28.13
C3 GLC D . -17.32 -49.10 27.60
C4 GLC D . -17.24 -49.24 26.06
C5 GLC D . -16.15 -48.35 25.43
C6 GLC D . -16.32 -48.41 23.90
O2 GLC D . -15.73 -47.90 28.80
O3 GLC D . -18.60 -49.38 28.14
O4 GLC D . -16.97 -50.58 25.65
O5 GLC D . -16.10 -47.00 25.89
O6 GLC D . -16.37 -49.79 23.59
C1 GLC E . -16.87 -41.56 39.31
C2 GLC E . -17.35 -43.02 39.51
C3 GLC E . -18.51 -43.42 38.55
C4 GLC E . -19.48 -42.27 38.29
C5 GLC E . -18.77 -40.99 37.89
C6 GLC E . -19.67 -39.82 37.48
O1 GLC E . -15.89 -41.65 38.29
O2 GLC E . -16.16 -43.80 39.32
O3 GLC E . -19.30 -44.55 38.91
O4 GLC E . -20.24 -42.75 37.22
O5 GLC E . -17.88 -40.61 38.95
O6 GLC E . -19.57 -39.56 36.09
C1 GLC E . -21.63 -42.98 37.33
C2 GLC E . -22.10 -44.20 36.54
C3 GLC E . -22.20 -43.88 35.04
C4 GLC E . -22.91 -42.54 34.76
C5 GLC E . -22.34 -41.43 35.66
C6 GLC E . -23.04 -40.08 35.42
O2 GLC E . -21.32 -45.36 36.71
O3 GLC E . -22.82 -45.01 34.45
O4 GLC E . -22.80 -42.07 33.42
O5 GLC E . -22.33 -41.79 37.04
O6 GLC E . -23.94 -40.26 34.36
C1 CLR F . 0.69 -21.80 1.28
C2 CLR F . 1.68 -20.75 1.76
C3 CLR F . 0.98 -19.40 1.86
C4 CLR F . -0.09 -19.49 2.94
C5 CLR F . -1.05 -20.63 2.61
C6 CLR F . -2.30 -20.48 2.94
C7 CLR F . -3.37 -21.43 2.47
C8 CLR F . -2.86 -22.86 2.33
C9 CLR F . -1.50 -22.92 1.64
C10 CLR F . -0.48 -21.97 2.25
C11 CLR F . -1.00 -24.35 1.63
C12 CLR F . -1.96 -25.26 0.85
C13 CLR F . -3.41 -25.11 1.34
C14 CLR F . -3.78 -23.59 1.37
C15 CLR F . -5.27 -23.65 1.73
C16 CLR F . -5.77 -24.75 0.76
C17 CLR F . -4.53 -25.63 0.43
C18 CLR F . -3.53 -25.64 2.77
C19 CLR F . 0.06 -22.61 3.53
C20 CLR F . -4.93 -27.09 0.62
C21 CLR F . -3.84 -28.08 0.21
C22 CLR F . -6.14 -27.30 -0.30
C23 CLR F . -6.69 -28.72 -0.21
C24 CLR F . -8.17 -28.66 -0.51
C25 CLR F . -8.71 -30.06 -0.80
C26 CLR F . -10.21 -29.98 -1.08
C27 CLR F . -8.00 -30.65 -2.02
O1 CLR F . 1.94 -18.39 2.19
CAA Y01 G . -17.79 -19.27 -3.28
CBA Y01 G . -16.54 -19.18 -4.17
CAB Y01 G . -15.69 -20.44 -4.00
CAN Y01 G . -15.68 -17.99 -3.74
CAJ Y01 G . -16.54 -16.83 -3.24
CAO Y01 G . -16.36 -15.68 -4.22
CBB Y01 G . -15.56 -14.55 -3.58
CAC Y01 G . -14.17 -15.06 -3.14
CBE Y01 G . -15.51 -13.47 -4.67
CAP Y01 G . -16.93 -13.22 -5.21
CAQ Y01 G . -16.96 -11.74 -5.68
CBG Y01 G . -15.51 -11.30 -5.45
CBI Y01 G . -15.04 -12.09 -4.20
CAE Y01 G . -15.78 -11.67 -2.91
CAU Y01 G . -13.53 -11.88 -4.02
CAS Y01 G . -13.17 -10.37 -3.97
CBF Y01 G . -13.84 -9.56 -5.08
CBD Y01 G . -15.35 -9.83 -5.14
CAK Y01 G . -16.06 -9.09 -6.27
CAI Y01 G . -15.61 -7.66 -6.28
CAZ Y01 G . -14.49 -7.24 -5.76
CAV Y01 G . -14.14 -5.79 -6.01
CBH Y01 G . -13.56 -8.09 -4.91
CAD Y01 G . -13.76 -7.72 -3.43
CAT Y01 G . -12.09 -7.83 -5.24
CAR Y01 G . -11.79 -6.34 -5.21
CBC Y01 G . -12.64 -5.67 -6.29
OAW Y01 G . -12.37 -4.25 -6.30
CAY Y01 G . -11.22 -3.86 -6.87
OAG Y01 G . -10.89 -4.32 -7.95
CAM Y01 G . -10.39 -2.83 -6.16
CAL Y01 G . -11.28 -1.60 -5.94
CAX Y01 G . -10.40 -0.40 -6.16
OAH Y01 G . -10.91 0.74 -6.69
OAF Y01 G . -9.22 -0.47 -5.87
NA NA H . -15.52 -19.78 7.40
NA NA I . -9.90 -23.66 12.80
CL CL J . -18.84 -19.78 5.01
C10 F1U K . -16.49 -17.21 17.44
C11 F1U K . -16.28 -15.97 17.90
C12 F1U K . -15.17 -15.72 18.64
C13 F1U K . -14.30 -16.70 18.94
C1 F1U K . -14.90 -17.38 13.14
C3 F1U K . -16.68 -17.02 14.46
C4 F1U K . -17.46 -18.05 15.26
C5 F1U K . -18.81 -18.15 14.61
C6 F1U K . -19.64 -19.16 15.35
C7 F1U K . -19.88 -18.61 16.74
C8 F1U K . -18.55 -18.45 17.42
C9 F1U K . -17.72 -17.50 16.63
C14 F1U K . -14.54 -17.95 18.47
C15 F1U K . -15.64 -18.21 17.72
C17 F1U K . -13.84 -14.30 19.90
C19 F1U K . -16.67 -18.77 12.83
N02 F1U K . -16.32 -17.41 13.12
O16 F1U K . -14.97 -14.44 19.11
O18 F1U K . -18.49 -16.38 16.54
C1 D10 L . -3.13 -11.83 38.09
C2 D10 L . -4.19 -12.88 37.74
C3 D10 L . -5.58 -12.26 37.66
C4 D10 L . -6.62 -13.19 37.04
C5 D10 L . -7.84 -12.43 36.51
C6 D10 L . -9.03 -13.31 36.12
C7 D10 L . -9.38 -13.22 34.63
C8 D10 L . -10.45 -12.19 34.30
C9 D10 L . -10.63 -12.06 32.78
C10 D10 L . -11.98 -11.49 32.40
#